data_5UKK
#
_entry.id   5UKK
#
_cell.length_a   113.123
_cell.length_b   62.423
_cell.length_c   102.035
_cell.angle_alpha   90.000
_cell.angle_beta   92.810
_cell.angle_gamma   90.000
#
_symmetry.space_group_name_H-M   'P 1 2 1'
#
loop_
_entity.id
_entity.type
_entity.pdbx_description
1 polymer 'Beta-adrenergic receptor kinase 1'
2 polymer 'Guanine nucleotide-binding protein G(I)/G(S)/G(T) subunit beta-1'
3 polymer 'Guanine nucleotide-binding protein G(I)/G(S)/G(O) subunit gamma-2'
4 non-polymer 'MAGNESIUM ION'
5 non-polymer 5-[(3S,4R)-3-{[(2H-1,3-benzodioxol-5-yl)oxy]methyl}piperidin-4-yl]-2-fluoro-N-[(pyridin-2-yl)methyl]benzamide
6 water water
#
loop_
_entity_poly.entity_id
_entity_poly.type
_entity_poly.pdbx_seq_one_letter_code
_entity_poly.pdbx_strand_id
1 'polypeptide(L)'
;KKILLPEPSIRSVMQKYLEDRGEVTFEKIFSQKLGYLLFRDFCLNHLEEARPLVEFYEEIKKYEKLETEEERVARSREIF
DSYIMKELLACSHPFSKSATEHVQGHLGKKQVPPDLFQPYIEEICQNLRGDVFQKFIESDKFTRFCQWKNVELNIHLTMN
DFSVHRIIGRGGFGEVYGCRKADTGKMYAMKCLDKKRIKMKQGETLALNERIMLSLVSTGDCPFIVCMSYAFHTPDKLSF
ILDLMNGGDLHYHLSQHGVFSEADMRFYAAEIILGLEHMHNRFVVYRDLKPANILLDEHGHVRISDLGLACDFSKKKPHA
SVGTHGYMAPEVLQKGVAYDSSADWFSLGCMLFKLLRGHSPFRQHKTKDKHEIDRMTLTMAVELPDSFSPELRSLLEGLL
QRDVNRRLGCLGRGAQEVKESPFFRSLDWQMVFLQKYPPPLIPPRGEVNAADAFDIGSFDEEDTKGIKLLDSDQELYRNF
PLTISERWQQEVAETVFDTINAETDRLEARKKAKNKQLGHEEDYALGKDCIMHGYMSKMGNPFLTQWQRRYFYLFPNRLE
WRGEGEAPQSLLTMEEIQSVEETQIKERKCLLLKIRGGKQFILQCDSDPELVQWKKELRDAYREAQQLVQRVPKMKNKPR
AP
;
A
2 'polypeptide(L)'
;SELDQLRQEAEQLKNQIRDARKACADATLSQITNNIDPVGRIQMRTRRTLRGHLAKIYAMHWGTDSRLLVSASQDGKLII
WDSYTTNKVHAIPLRSSWVMTCAYAPSGNYVACGGLDNICSIYNLKTREGNVRVSRELAGHTGYLSCCRFLDDNQIVTSS
GDTTCALWDIETGQQTTTFTGHTGDVMSLSLAPDTRLFVSGACDASAKLWDVREGMCRQTFTGHESDINAICFFPNGNAF
ATGSDDATCRLFDLRADQELMTYSHDNIICGITSVSFSKSGRLLLAGYDDFNCNVWDALKADRAGVLAGHDNRVSCLGVT
DDGMAVATGSWDSFLKIWN
;
B
3 'polypeptide(L)' SIAQARKLVEQLKMEANIDRIKVSKAAADLMAYCEAHAKEDPLLTPVPASENPFREK G
#
# COMPACT_ATOMS: atom_id res chain seq x y z
N LYS A 1 -13.76 -4.73 26.32
CA LYS A 1 -12.56 -5.62 26.47
C LYS A 1 -12.25 -6.43 25.20
N LYS A 2 -13.22 -7.25 24.77
CA LYS A 2 -13.04 -8.23 23.66
C LYS A 2 -12.48 -7.65 22.36
N ILE A 3 -11.91 -8.52 21.53
CA ILE A 3 -11.25 -8.11 20.31
C ILE A 3 -12.33 -7.82 19.26
N LEU A 4 -12.24 -6.64 18.65
CA LEU A 4 -13.10 -6.24 17.56
C LEU A 4 -12.27 -6.29 16.29
N LEU A 5 -12.57 -7.23 15.40
CA LEU A 5 -11.90 -7.26 14.11
C LEU A 5 -12.30 -6.03 13.32
N PRO A 6 -11.37 -5.37 12.63
CA PRO A 6 -11.82 -4.36 11.68
C PRO A 6 -12.51 -5.04 10.50
N GLU A 7 -13.18 -4.23 9.67
CA GLU A 7 -14.09 -4.72 8.63
C GLU A 7 -13.24 -5.28 7.51
N PRO A 8 -13.83 -6.10 6.62
CA PRO A 8 -12.99 -6.71 5.57
C PRO A 8 -12.45 -5.74 4.48
N SER A 9 -12.87 -4.46 4.51
CA SER A 9 -12.22 -3.34 3.79
C SER A 9 -10.78 -3.01 4.25
N ILE A 10 -10.42 -3.48 5.45
CA ILE A 10 -9.05 -3.35 5.95
C ILE A 10 -8.06 -4.08 5.04
N ARG A 11 -8.56 -5.05 4.27
CA ARG A 11 -7.77 -5.84 3.34
C ARG A 11 -6.90 -5.00 2.41
N SER A 12 -7.50 -3.93 1.86
CA SER A 12 -6.83 -3.09 0.88
C SER A 12 -5.51 -2.55 1.43
N VAL A 13 -5.59 -1.85 2.56
CA VAL A 13 -4.44 -1.21 3.23
C VAL A 13 -3.44 -2.23 3.74
N MET A 14 -3.93 -3.26 4.43
CA MET A 14 -3.08 -4.28 5.00
C MET A 14 -2.43 -5.16 3.92
N GLN A 15 -3.15 -5.47 2.84
CA GLN A 15 -2.53 -6.27 1.75
C GLN A 15 -1.28 -5.50 1.30
N LYS A 16 -1.42 -4.19 1.12
CA LYS A 16 -0.29 -3.31 0.81
C LYS A 16 0.74 -3.24 1.94
N TYR A 17 0.33 -2.99 3.19
CA TYR A 17 1.29 -2.91 4.33
C TYR A 17 2.23 -4.11 4.37
N LEU A 18 1.63 -5.29 4.25
CA LEU A 18 2.35 -6.56 4.31
C LEU A 18 3.10 -6.86 3.02
N GLU A 19 2.51 -6.58 1.86
CA GLU A 19 3.26 -6.61 0.59
C GLU A 19 4.52 -5.70 0.60
N ASP A 20 4.46 -4.56 1.28
CA ASP A 20 5.63 -3.66 1.45
C ASP A 20 6.79 -4.27 2.21
N ARG A 21 6.45 -5.21 3.09
CA ARG A 21 7.39 -5.90 3.95
C ARG A 21 7.78 -7.31 3.44
N GLY A 22 7.03 -7.82 2.46
CA GLY A 22 7.37 -9.03 1.72
C GLY A 22 6.63 -10.27 2.17
N GLU A 23 5.46 -10.06 2.78
CA GLU A 23 4.86 -11.04 3.68
C GLU A 23 3.56 -11.69 3.16
N VAL A 24 3.38 -11.77 1.84
CA VAL A 24 2.18 -12.42 1.26
C VAL A 24 2.62 -13.58 0.40
N THR A 25 3.48 -14.42 0.96
CA THR A 25 3.98 -15.58 0.28
C THR A 25 3.42 -16.78 1.01
N PHE A 26 3.28 -17.88 0.28
CA PHE A 26 2.94 -19.18 0.87
C PHE A 26 3.73 -19.39 2.17
N GLU A 27 5.04 -19.20 2.10
CA GLU A 27 5.95 -19.39 3.24
C GLU A 27 5.56 -18.50 4.41
N LYS A 28 5.44 -17.18 4.24
CA LYS A 28 5.16 -16.31 5.41
C LYS A 28 3.74 -16.43 5.98
N ILE A 29 2.77 -16.80 5.15
CA ILE A 29 1.39 -17.00 5.62
C ILE A 29 1.14 -18.44 6.14
N PHE A 30 1.58 -19.45 5.38
CA PHE A 30 1.49 -20.85 5.81
C PHE A 30 2.20 -21.03 7.19
N SER A 31 3.40 -20.46 7.34
CA SER A 31 4.19 -20.42 8.60
C SER A 31 3.53 -19.83 9.83
N GLN A 32 2.50 -19.00 9.64
CA GLN A 32 1.76 -18.38 10.74
C GLN A 32 0.56 -19.24 11.10
N LYS A 33 0.37 -19.48 12.39
CA LYS A 33 -0.78 -20.27 12.88
C LYS A 33 -2.08 -19.85 12.19
N LEU A 34 -2.44 -18.58 12.35
CA LEU A 34 -3.72 -18.05 11.86
C LEU A 34 -3.79 -18.13 10.33
N GLY A 35 -2.63 -18.05 9.67
CA GLY A 35 -2.53 -18.23 8.22
C GLY A 35 -2.80 -19.64 7.71
N TYR A 36 -2.14 -20.65 8.31
CA TYR A 36 -2.34 -22.06 7.95
C TYR A 36 -3.81 -22.44 8.04
N LEU A 37 -4.45 -22.08 9.16
CA LEU A 37 -5.84 -22.46 9.40
C LEU A 37 -6.77 -21.96 8.30
N LEU A 38 -6.70 -20.69 7.98
CA LEU A 38 -7.52 -20.14 6.90
C LEU A 38 -7.23 -20.80 5.54
N PHE A 39 -5.96 -21.11 5.28
CA PHE A 39 -5.57 -21.83 4.05
C PHE A 39 -6.24 -23.18 3.97
N ARG A 40 -6.21 -23.94 5.06
CA ARG A 40 -6.80 -25.26 5.09
C ARG A 40 -8.31 -25.23 4.90
N ASP A 41 -9.03 -24.40 5.67
CA ASP A 41 -10.49 -24.20 5.52
C ASP A 41 -10.89 -24.17 4.03
N PHE A 42 -10.11 -23.40 3.24
CA PHE A 42 -10.32 -23.24 1.79
C PHE A 42 -10.15 -24.49 0.94
N CYS A 43 -9.05 -25.23 1.16
CA CYS A 43 -8.70 -26.35 0.30
C CYS A 43 -9.63 -27.55 0.48
N LEU A 44 -9.99 -27.85 1.72
CA LEU A 44 -10.84 -29.00 2.02
C LEU A 44 -12.26 -28.82 1.51
N ASN A 45 -12.77 -27.59 1.55
CA ASN A 45 -14.17 -27.29 1.20
C ASN A 45 -14.32 -26.69 -0.19
N HIS A 46 -13.69 -25.55 -0.39
CA HIS A 46 -14.03 -24.67 -1.50
C HIS A 46 -13.09 -24.88 -2.70
N LEU A 47 -12.45 -26.06 -2.77
CA LEU A 47 -11.74 -26.48 -3.98
C LEU A 47 -11.67 -28.01 -4.03
N GLU A 48 -12.12 -28.58 -5.14
CA GLU A 48 -12.28 -30.05 -5.25
C GLU A 48 -10.96 -30.78 -5.45
N GLU A 49 -10.17 -30.32 -6.43
CA GLU A 49 -8.82 -30.89 -6.70
C GLU A 49 -7.85 -30.90 -5.49
N ALA A 50 -7.97 -29.90 -4.61
CA ALA A 50 -7.09 -29.76 -3.44
C ALA A 50 -7.43 -30.70 -2.30
N ARG A 51 -8.70 -31.13 -2.23
CA ARG A 51 -9.19 -32.08 -1.20
C ARG A 51 -8.20 -33.20 -0.85
N PRO A 52 -7.78 -34.03 -1.84
CA PRO A 52 -6.83 -35.11 -1.52
C PRO A 52 -5.52 -34.65 -0.88
N LEU A 53 -4.96 -33.54 -1.36
CA LEU A 53 -3.61 -33.11 -0.97
C LEU A 53 -3.48 -32.62 0.48
N VAL A 54 -4.45 -31.81 0.91
CA VAL A 54 -4.45 -31.25 2.27
C VAL A 54 -4.82 -32.33 3.29
N GLU A 55 -5.82 -33.14 2.98
CA GLU A 55 -6.16 -34.35 3.74
C GLU A 55 -4.92 -35.19 4.03
N PHE A 56 -4.07 -35.34 2.99
CA PHE A 56 -2.80 -36.08 3.06
C PHE A 56 -1.83 -35.36 3.98
N TYR A 57 -1.67 -34.04 3.78
CA TYR A 57 -0.85 -33.21 4.66
C TYR A 57 -1.31 -33.29 6.13
N GLU A 58 -2.62 -33.26 6.36
CA GLU A 58 -3.16 -33.40 7.72
C GLU A 58 -2.98 -34.81 8.29
N GLU A 59 -3.21 -35.83 7.48
CA GLU A 59 -2.91 -37.22 7.87
C GLU A 59 -1.41 -37.43 8.09
N ILE A 60 -0.56 -36.67 7.41
CA ILE A 60 0.87 -36.63 7.70
C ILE A 60 1.15 -35.91 9.02
N LYS A 61 0.51 -34.75 9.22
CA LYS A 61 0.70 -33.94 10.43
C LYS A 61 0.24 -34.66 11.70
N LYS A 62 -0.92 -35.32 11.63
CA LYS A 62 -1.43 -36.17 12.71
C LYS A 62 -0.45 -37.29 13.02
N TYR A 63 0.04 -37.92 11.95
CA TYR A 63 1.03 -38.99 12.04
C TYR A 63 2.32 -38.60 12.80
N GLU A 64 2.80 -37.36 12.66
CA GLU A 64 4.05 -36.92 13.31
C GLU A 64 3.98 -36.88 14.85
N LYS A 65 2.79 -36.62 15.40
CA LYS A 65 2.58 -36.54 16.86
C LYS A 65 2.28 -37.90 17.54
N LEU A 66 1.95 -38.91 16.74
CA LEU A 66 1.71 -40.27 17.26
C LEU A 66 2.88 -40.72 18.14
N GLU A 67 2.58 -41.18 19.35
CA GLU A 67 3.58 -41.39 20.41
C GLU A 67 4.26 -42.76 20.43
N THR A 68 3.57 -43.82 19.96
CA THR A 68 4.11 -45.20 19.96
C THR A 68 4.43 -45.65 18.54
N GLU A 69 5.22 -46.72 18.41
CA GLU A 69 5.59 -47.29 17.10
C GLU A 69 4.41 -48.03 16.44
N GLU A 70 3.75 -48.89 17.21
CA GLU A 70 2.56 -49.64 16.73
C GLU A 70 1.54 -48.79 15.96
N GLU A 71 1.19 -47.62 16.53
CA GLU A 71 0.27 -46.67 15.86
C GLU A 71 0.76 -46.26 14.47
N ARG A 72 2.07 -46.01 14.36
CA ARG A 72 2.70 -45.58 13.10
C ARG A 72 2.76 -46.73 12.08
N VAL A 73 2.97 -47.96 12.55
CA VAL A 73 3.02 -49.15 11.68
C VAL A 73 1.68 -49.39 10.97
N ALA A 74 0.58 -49.28 11.71
CA ALA A 74 -0.76 -49.37 11.14
C ALA A 74 -1.03 -48.20 10.21
N ARG A 75 -0.84 -46.98 10.71
CA ARG A 75 -1.16 -45.76 9.94
C ARG A 75 -0.22 -45.47 8.76
N SER A 76 0.92 -46.16 8.67
CA SER A 76 1.72 -46.20 7.45
C SER A 76 0.96 -46.98 6.36
N ARG A 77 0.60 -48.23 6.67
CA ARG A 77 -0.14 -49.10 5.73
C ARG A 77 -1.50 -48.52 5.29
N GLU A 78 -2.18 -47.79 6.18
CA GLU A 78 -3.49 -47.23 5.88
C GLU A 78 -3.31 -46.05 4.93
N ILE A 79 -2.26 -45.25 5.15
CA ILE A 79 -1.91 -44.13 4.26
C ILE A 79 -1.43 -44.61 2.88
N PHE A 80 -0.77 -45.78 2.83
CA PHE A 80 -0.28 -46.31 1.55
C PHE A 80 -1.39 -46.94 0.71
N ASP A 81 -2.24 -47.75 1.34
CA ASP A 81 -3.42 -48.33 0.67
C ASP A 81 -4.63 -47.39 0.55
N SER A 82 -4.55 -46.15 1.02
CA SER A 82 -5.73 -45.26 1.03
C SER A 82 -6.07 -44.70 -0.35
N TYR A 83 -7.38 -44.48 -0.55
CA TYR A 83 -7.96 -43.74 -1.71
C TYR A 83 -7.21 -42.50 -2.24
N ILE A 84 -6.40 -41.85 -1.40
CA ILE A 84 -5.62 -40.66 -1.79
C ILE A 84 -4.35 -41.08 -2.55
N MET A 85 -3.60 -42.04 -1.98
CA MET A 85 -2.39 -42.61 -2.62
C MET A 85 -2.77 -43.39 -3.87
N PHE A 95 0.73 -39.38 -7.97
CA PHE A 95 1.26 -38.09 -8.41
C PHE A 95 2.80 -38.00 -8.42
N SER A 96 3.49 -38.83 -7.62
CA SER A 96 4.97 -38.78 -7.50
C SER A 96 5.70 -40.10 -7.81
N LYS A 97 7.02 -40.02 -7.97
CA LYS A 97 7.87 -41.14 -8.39
C LYS A 97 8.80 -41.63 -7.27
N SER A 98 9.79 -40.81 -6.89
CA SER A 98 10.78 -41.19 -5.87
C SER A 98 10.37 -40.81 -4.44
N ALA A 99 9.19 -40.19 -4.31
CA ALA A 99 8.55 -40.03 -3.00
C ALA A 99 8.13 -41.41 -2.50
N THR A 100 7.47 -42.16 -3.38
CA THR A 100 7.08 -43.56 -3.11
C THR A 100 8.26 -44.47 -2.76
N GLU A 101 9.37 -44.35 -3.47
CA GLU A 101 10.58 -45.16 -3.19
C GLU A 101 11.24 -44.91 -1.82
N HIS A 102 11.26 -43.66 -1.33
CA HIS A 102 11.80 -43.34 0.01
C HIS A 102 10.95 -43.96 1.13
N VAL A 103 9.63 -43.98 0.93
CA VAL A 103 8.71 -44.56 1.91
C VAL A 103 8.65 -46.10 1.78
N GLN A 104 8.65 -46.63 0.55
CA GLN A 104 8.68 -48.10 0.32
C GLN A 104 9.94 -48.79 0.88
N GLY A 105 11.03 -48.03 0.99
CA GLY A 105 12.27 -48.52 1.60
C GLY A 105 12.17 -48.60 3.11
N HIS A 106 11.56 -47.58 3.72
CA HIS A 106 11.30 -47.57 5.18
C HIS A 106 10.26 -48.65 5.55
N LEU A 107 9.17 -48.75 4.79
CA LEU A 107 8.12 -49.76 5.01
C LEU A 107 8.61 -51.21 4.89
N GLY A 108 9.45 -51.46 3.89
CA GLY A 108 10.14 -52.73 3.71
C GLY A 108 11.09 -53.10 4.84
N LYS A 109 11.72 -52.12 5.47
CA LYS A 109 12.56 -52.36 6.64
C LYS A 109 11.85 -51.94 7.95
N LYS A 110 10.54 -52.20 8.05
CA LYS A 110 9.73 -52.05 9.29
C LYS A 110 10.09 -50.87 10.21
N GLN A 111 10.36 -49.71 9.60
CA GLN A 111 10.75 -48.49 10.33
C GLN A 111 9.88 -47.26 10.00
N VAL A 112 9.65 -46.45 11.04
CA VAL A 112 8.55 -45.51 11.07
C VAL A 112 8.84 -44.36 12.04
N PRO A 113 9.77 -43.46 11.67
CA PRO A 113 10.00 -42.26 12.48
C PRO A 113 8.89 -41.23 12.28
N PRO A 114 8.81 -40.19 13.14
CA PRO A 114 7.92 -39.05 12.89
C PRO A 114 8.13 -38.40 11.51
N ASP A 115 9.38 -38.09 11.16
CA ASP A 115 9.72 -37.54 9.84
C ASP A 115 9.80 -38.61 8.70
N LEU A 116 8.94 -39.63 8.74
CA LEU A 116 8.91 -40.69 7.70
C LEU A 116 8.41 -40.10 6.39
N PHE A 117 7.26 -39.47 6.46
CA PHE A 117 6.63 -38.87 5.29
C PHE A 117 7.12 -37.42 5.03
N GLN A 118 8.24 -37.01 5.62
CA GLN A 118 8.73 -35.62 5.49
C GLN A 118 9.12 -35.23 4.06
N PRO A 119 9.61 -36.18 3.23
CA PRO A 119 9.71 -35.91 1.80
C PRO A 119 8.41 -35.49 1.11
N TYR A 120 7.27 -36.04 1.52
CA TYR A 120 5.98 -35.58 0.99
C TYR A 120 5.59 -34.15 1.44
N ILE A 121 6.15 -33.66 2.55
CA ILE A 121 5.84 -32.30 3.05
C ILE A 121 6.29 -31.21 2.09
N GLU A 122 7.54 -31.28 1.66
CA GLU A 122 8.06 -30.32 0.67
C GLU A 122 7.32 -30.44 -0.67
N GLU A 123 6.97 -31.66 -1.07
CA GLU A 123 6.32 -31.91 -2.36
C GLU A 123 4.81 -31.62 -2.39
N ILE A 124 4.12 -31.81 -1.25
CA ILE A 124 2.72 -31.38 -1.12
C ILE A 124 2.65 -29.84 -1.09
N CYS A 125 3.62 -29.22 -0.42
CA CYS A 125 3.80 -27.75 -0.45
C CYS A 125 4.07 -27.21 -1.87
N GLN A 126 4.84 -27.95 -2.66
CA GLN A 126 5.08 -27.63 -4.08
C GLN A 126 3.83 -27.70 -4.95
N ASN A 127 2.89 -28.57 -4.64
CA ASN A 127 1.59 -28.63 -5.33
C ASN A 127 0.53 -27.66 -4.77
N LEU A 128 0.81 -27.05 -3.60
CA LEU A 128 -0.12 -26.11 -2.96
C LEU A 128 0.22 -24.63 -3.22
N ARG A 129 1.49 -24.31 -3.46
CA ARG A 129 1.83 -23.05 -4.12
C ARG A 129 1.14 -23.03 -5.49
N GLY A 130 1.19 -21.90 -6.17
CA GLY A 130 0.66 -21.80 -7.53
C GLY A 130 -0.85 -21.85 -7.54
N ASP A 131 -1.43 -22.37 -8.62
CA ASP A 131 -2.90 -22.41 -8.84
C ASP A 131 -3.72 -22.34 -7.55
N VAL A 132 -3.39 -23.23 -6.61
CA VAL A 132 -4.14 -23.41 -5.37
C VAL A 132 -3.97 -22.22 -4.38
N PHE A 133 -2.73 -21.76 -4.20
CA PHE A 133 -2.43 -20.57 -3.36
C PHE A 133 -2.93 -19.26 -3.97
N GLN A 134 -2.94 -19.18 -5.30
CA GLN A 134 -3.53 -18.03 -6.00
C GLN A 134 -5.01 -18.02 -5.72
N LYS A 135 -5.62 -19.19 -5.74
CA LYS A 135 -7.04 -19.31 -5.41
C LYS A 135 -7.36 -18.98 -3.94
N PHE A 136 -6.40 -19.20 -3.03
CA PHE A 136 -6.54 -18.79 -1.61
C PHE A 136 -6.49 -17.27 -1.40
N ILE A 137 -5.46 -16.63 -1.95
CA ILE A 137 -5.33 -15.16 -1.89
C ILE A 137 -6.59 -14.52 -2.45
N GLU A 138 -7.09 -15.04 -3.56
CA GLU A 138 -8.34 -14.58 -4.15
C GLU A 138 -9.55 -14.84 -3.24
N SER A 139 -9.50 -15.94 -2.49
CA SER A 139 -10.61 -16.35 -1.63
C SER A 139 -10.91 -15.38 -0.49
N ASP A 140 -12.06 -15.62 0.13
CA ASP A 140 -12.49 -14.87 1.30
C ASP A 140 -11.64 -15.18 2.50
N LYS A 141 -10.92 -16.29 2.44
CA LYS A 141 -10.12 -16.74 3.56
C LYS A 141 -8.91 -15.82 3.77
N PHE A 142 -8.32 -15.34 2.67
CA PHE A 142 -7.22 -14.38 2.78
C PHE A 142 -7.66 -13.05 3.39
N THR A 143 -8.86 -12.59 3.05
CA THR A 143 -9.41 -11.36 3.61
C THR A 143 -9.31 -11.47 5.13
N ARG A 144 -9.87 -12.55 5.66
CA ARG A 144 -9.88 -12.78 7.10
C ARG A 144 -8.49 -12.74 7.73
N PHE A 145 -7.49 -13.27 7.03
CA PHE A 145 -6.10 -13.12 7.49
C PHE A 145 -5.70 -11.66 7.78
N CYS A 146 -6.01 -10.75 6.82
CA CYS A 146 -5.68 -9.31 6.91
C CYS A 146 -6.37 -8.64 8.08
N GLN A 147 -7.62 -9.03 8.32
CA GLN A 147 -8.38 -8.50 9.46
C GLN A 147 -7.65 -8.80 10.77
N TRP A 148 -7.18 -10.04 10.96
CA TRP A 148 -6.47 -10.37 12.21
C TRP A 148 -5.12 -9.67 12.35
N LYS A 149 -4.42 -9.51 11.22
CA LYS A 149 -3.07 -8.97 11.25
C LYS A 149 -3.03 -7.47 11.63
N ASN A 150 -4.12 -6.75 11.37
CA ASN A 150 -4.20 -5.34 11.72
C ASN A 150 -4.26 -5.18 13.24
N VAL A 151 -5.07 -6.02 13.89
CA VAL A 151 -5.20 -6.00 15.35
C VAL A 151 -3.82 -6.19 15.99
N GLU A 152 -3.08 -7.14 15.44
CA GLU A 152 -1.73 -7.40 15.92
C GLU A 152 -0.90 -6.10 16.01
N LEU A 153 -0.77 -5.39 14.90
CA LEU A 153 0.25 -4.33 14.80
C LEU A 153 -0.11 -2.97 15.45
N ASN A 154 -1.24 -2.92 16.15
CA ASN A 154 -1.73 -1.71 16.83
C ASN A 154 -1.87 -1.86 18.37
N ILE A 155 -1.25 -2.91 18.92
CA ILE A 155 -1.26 -3.16 20.36
C ILE A 155 -0.49 -2.08 21.14
N HIS A 156 -1.18 -1.32 21.99
CA HIS A 156 -0.59 -0.38 22.99
C HIS A 156 -1.16 -0.71 24.37
N LEU A 157 -0.31 -1.21 25.26
CA LEU A 157 -0.78 -1.73 26.54
C LEU A 157 -0.56 -0.71 27.66
N THR A 158 -1.46 -0.75 28.64
CA THR A 158 -1.30 -0.01 29.89
C THR A 158 -1.67 -0.96 31.02
N MET A 159 -1.44 -0.50 32.26
CA MET A 159 -1.93 -1.23 33.44
C MET A 159 -3.38 -1.62 33.26
N ASN A 160 -4.16 -0.74 32.66
CA ASN A 160 -5.59 -0.96 32.51
C ASN A 160 -6.02 -2.12 31.55
N ASP A 161 -5.10 -2.61 30.70
CA ASP A 161 -5.43 -3.73 29.80
C ASP A 161 -5.27 -5.08 30.48
N PHE A 162 -4.67 -5.07 31.68
CA PHE A 162 -4.57 -6.27 32.51
C PHE A 162 -5.34 -6.13 33.81
N SER A 163 -5.84 -7.28 34.27
CA SER A 163 -6.44 -7.44 35.60
C SER A 163 -5.32 -7.95 36.55
N VAL A 164 -4.77 -7.05 37.39
CA VAL A 164 -3.65 -7.35 38.30
C VAL A 164 -4.13 -8.00 39.58
N HIS A 165 -3.64 -9.21 39.85
CA HIS A 165 -4.02 -9.98 41.03
C HIS A 165 -2.89 -9.96 42.09
N ARG A 166 -2.40 -11.13 42.50
CA ARG A 166 -1.63 -11.25 43.73
C ARG A 166 -0.16 -11.06 43.48
N ILE A 167 0.53 -10.56 44.49
CA ILE A 167 2.01 -10.38 44.47
C ILE A 167 2.58 -11.80 44.51
N ILE A 168 3.38 -12.16 43.50
CA ILE A 168 3.98 -13.50 43.39
C ILE A 168 5.50 -13.46 43.26
N GLY A 169 6.13 -12.30 43.60
CA GLY A 169 7.59 -12.08 43.55
C GLY A 169 7.96 -10.78 44.25
N ARG A 170 9.18 -10.64 44.75
CA ARG A 170 9.65 -9.35 45.35
C ARG A 170 11.16 -9.24 45.37
N GLY A 171 11.71 -8.18 44.79
CA GLY A 171 13.16 -7.95 44.73
C GLY A 171 13.54 -6.52 45.13
N GLY A 172 14.84 -6.22 44.98
CA GLY A 172 15.40 -4.92 45.38
C GLY A 172 14.98 -3.73 44.52
N PHE A 173 14.51 -4.02 43.31
CA PHE A 173 14.03 -2.98 42.39
C PHE A 173 12.52 -2.97 42.12
N GLY A 174 11.81 -4.04 42.47
CA GLY A 174 10.36 -4.06 42.32
C GLY A 174 9.71 -5.34 42.79
N GLU A 175 8.54 -5.64 42.21
CA GLU A 175 7.66 -6.72 42.64
C GLU A 175 7.01 -7.38 41.42
N VAL A 176 6.81 -8.70 41.43
CA VAL A 176 6.01 -9.40 40.38
C VAL A 176 4.56 -9.66 40.80
N TYR A 177 3.63 -9.46 39.86
CA TYR A 177 2.20 -9.66 40.05
C TYR A 177 1.63 -10.65 39.02
N GLY A 178 0.56 -11.36 39.40
CA GLY A 178 -0.12 -12.29 38.50
C GLY A 178 -1.26 -11.55 37.86
N CYS A 179 -1.68 -11.96 36.67
CA CYS A 179 -2.71 -11.21 35.91
C CYS A 179 -3.39 -12.01 34.78
N ARG A 180 -4.50 -11.46 34.30
CA ARG A 180 -5.20 -11.98 33.11
C ARG A 180 -5.19 -10.88 32.08
N LYS A 181 -5.11 -11.25 30.81
CA LYS A 181 -5.26 -10.25 29.74
C LYS A 181 -6.72 -10.23 29.31
N ALA A 182 -7.30 -9.04 29.38
CA ALA A 182 -8.73 -8.87 29.23
C ALA A 182 -9.33 -9.43 27.93
N ASP A 183 -8.69 -9.16 26.79
CA ASP A 183 -9.36 -9.36 25.49
C ASP A 183 -9.45 -10.82 24.99
N THR A 184 -8.52 -11.68 25.39
CA THR A 184 -8.59 -13.13 25.08
C THR A 184 -8.84 -14.00 26.28
N GLY A 185 -8.67 -13.43 27.47
CA GLY A 185 -8.81 -14.15 28.71
C GLY A 185 -7.60 -14.96 29.10
N LYS A 186 -6.50 -14.88 28.33
CA LYS A 186 -5.28 -15.63 28.64
C LYS A 186 -4.71 -15.18 29.97
N MET A 187 -4.14 -16.12 30.72
CA MET A 187 -3.53 -15.85 32.02
C MET A 187 -2.00 -15.67 31.89
N TYR A 188 -1.43 -14.77 32.70
CA TYR A 188 -0.03 -14.31 32.58
C TYR A 188 0.54 -13.77 33.89
N ALA A 189 1.85 -13.50 33.93
CA ALA A 189 2.52 -12.80 35.05
C ALA A 189 2.99 -11.41 34.68
N MET A 190 3.19 -10.54 35.67
CA MET A 190 3.61 -9.15 35.44
C MET A 190 4.67 -8.70 36.41
N LYS A 191 5.89 -8.52 35.90
CA LYS A 191 7.01 -7.98 36.68
C LYS A 191 7.01 -6.43 36.60
N CYS A 192 7.18 -5.72 37.73
CA CYS A 192 6.96 -4.26 37.86
C CYS A 192 8.07 -3.52 38.59
N LEU A 193 9.04 -2.95 37.87
CA LEU A 193 10.24 -2.31 38.50
C LEU A 193 10.04 -0.82 38.81
N ASP A 194 10.59 -0.32 39.93
CA ASP A 194 10.41 1.07 40.40
C ASP A 194 11.56 2.01 40.01
N LYS A 195 11.25 3.09 39.27
CA LYS A 195 12.29 3.98 38.73
C LYS A 195 13.03 4.85 39.76
N LYS A 196 12.31 5.31 40.78
CA LYS A 196 12.92 6.16 41.80
C LYS A 196 14.00 5.37 42.53
N ARG A 197 13.64 4.16 42.96
CA ARG A 197 14.59 3.24 43.59
C ARG A 197 15.78 2.97 42.65
N ILE A 198 15.49 2.59 41.41
CA ILE A 198 16.54 2.30 40.41
C ILE A 198 17.54 3.47 40.29
N LYS A 199 17.04 4.71 40.41
CA LYS A 199 17.89 5.92 40.44
C LYS A 199 18.82 5.95 41.67
N MET A 200 18.26 5.80 42.88
CA MET A 200 19.08 5.78 44.11
C MET A 200 20.08 4.61 44.16
N LYS A 201 19.59 3.41 43.81
CA LYS A 201 20.44 2.19 43.77
C LYS A 201 21.25 2.01 42.45
N GLN A 202 21.00 2.86 41.45
CA GLN A 202 21.83 3.00 40.25
C GLN A 202 21.85 1.76 39.33
N GLY A 203 20.67 1.20 39.05
CA GLY A 203 20.55 -0.03 38.25
C GLY A 203 19.73 0.12 36.98
N GLU A 204 20.04 1.15 36.21
CA GLU A 204 19.31 1.45 34.99
C GLU A 204 19.66 0.45 33.88
N THR A 205 20.91 -0.01 33.84
CA THR A 205 21.36 -0.95 32.81
C THR A 205 20.64 -2.28 32.92
N LEU A 206 20.58 -2.80 34.16
CA LEU A 206 20.02 -4.12 34.43
C LEU A 206 18.59 -4.21 33.94
N ALA A 207 17.78 -3.23 34.34
CA ALA A 207 16.40 -3.11 33.87
C ALA A 207 16.28 -3.25 32.35
N LEU A 208 17.13 -2.48 31.65
CA LEU A 208 17.09 -2.44 30.19
C LEU A 208 17.61 -3.74 29.56
N ASN A 209 18.61 -4.33 30.18
CA ASN A 209 19.13 -5.61 29.72
C ASN A 209 18.10 -6.73 29.75
N GLU A 210 17.29 -6.77 30.82
CA GLU A 210 16.31 -7.83 30.95
C GLU A 210 15.34 -7.80 29.76
N ARG A 211 14.89 -6.61 29.41
CA ARG A 211 13.99 -6.47 28.28
C ARG A 211 14.52 -7.08 26.99
N ILE A 212 15.77 -6.77 26.64
CA ILE A 212 16.32 -7.32 25.40
C ILE A 212 16.37 -8.86 25.46
N MET A 213 16.83 -9.41 26.59
CA MET A 213 17.05 -10.84 26.64
C MET A 213 15.75 -11.63 26.48
N LEU A 214 14.70 -11.17 27.16
CA LEU A 214 13.38 -11.80 27.05
C LEU A 214 12.91 -12.00 25.61
N SER A 215 13.12 -10.98 24.77
CA SER A 215 12.69 -11.03 23.37
C SER A 215 13.50 -12.02 22.52
N LEU A 216 14.75 -12.27 22.87
CA LEU A 216 15.52 -13.29 22.16
C LEU A 216 14.93 -14.70 22.30
N VAL A 217 14.56 -15.08 23.51
CA VAL A 217 14.16 -16.48 23.78
C VAL A 217 12.70 -16.80 23.54
N SER A 218 11.86 -15.76 23.40
CA SER A 218 10.42 -15.92 23.51
C SER A 218 9.68 -16.48 22.28
N THR A 219 10.37 -17.08 21.32
CA THR A 219 9.66 -17.73 20.22
C THR A 219 9.92 -19.24 20.21
N GLY A 220 9.21 -19.95 19.32
CA GLY A 220 9.23 -21.42 19.26
C GLY A 220 8.43 -22.14 20.32
N ASP A 221 7.61 -21.39 21.07
CA ASP A 221 6.80 -21.91 22.21
C ASP A 221 7.53 -22.97 23.09
N CYS A 222 8.53 -22.51 23.85
CA CYS A 222 9.39 -23.40 24.63
C CYS A 222 8.78 -23.73 25.98
N PRO A 223 8.45 -25.01 26.21
CA PRO A 223 7.92 -25.32 27.55
C PRO A 223 8.81 -24.90 28.77
N PHE A 224 10.11 -24.65 28.57
CA PHE A 224 11.06 -24.61 29.67
C PHE A 224 11.74 -23.25 30.02
N ILE A 225 11.19 -22.14 29.53
CA ILE A 225 11.66 -20.77 29.87
C ILE A 225 10.47 -19.88 30.14
N VAL A 226 10.66 -18.91 31.04
CA VAL A 226 9.67 -17.87 31.35
C VAL A 226 9.74 -16.80 30.26
N CYS A 227 9.04 -17.07 29.16
CA CYS A 227 9.04 -16.23 27.97
C CYS A 227 8.17 -14.99 28.12
N MET A 228 8.40 -14.01 27.25
CA MET A 228 7.64 -12.76 27.22
C MET A 228 6.63 -12.81 26.10
N SER A 229 5.48 -12.21 26.32
CA SER A 229 4.55 -11.90 25.24
C SER A 229 4.50 -10.40 24.98
N TYR A 230 4.64 -9.54 26.01
CA TYR A 230 4.60 -8.05 25.86
C TYR A 230 5.50 -7.31 26.87
N ALA A 231 5.86 -6.07 26.56
CA ALA A 231 6.55 -5.18 27.53
C ALA A 231 6.04 -3.76 27.41
N PHE A 232 6.09 -3.04 28.53
CA PHE A 232 5.63 -1.64 28.59
C PHE A 232 6.04 -0.92 29.90
N HIS A 233 5.76 0.38 29.99
CA HIS A 233 6.19 1.21 31.14
C HIS A 233 5.32 2.44 31.39
N THR A 234 5.59 3.10 32.51
CA THR A 234 4.76 4.21 33.02
C THR A 234 5.66 5.22 33.75
N PRO A 235 5.10 6.38 34.17
CA PRO A 235 5.95 7.43 34.76
C PRO A 235 6.85 7.03 35.92
N ASP A 236 6.46 6.01 36.68
CA ASP A 236 7.27 5.53 37.82
C ASP A 236 7.73 4.07 37.72
N LYS A 237 7.14 3.29 36.80
CA LYS A 237 7.32 1.83 36.74
C LYS A 237 7.63 1.28 35.35
N LEU A 238 8.54 0.29 35.30
CA LEU A 238 8.74 -0.57 34.12
C LEU A 238 7.93 -1.88 34.33
N SER A 239 7.52 -2.57 33.26
CA SER A 239 6.66 -3.78 33.33
C SER A 239 6.85 -4.82 32.22
N PHE A 240 7.03 -6.08 32.60
CA PHE A 240 7.07 -7.18 31.63
C PHE A 240 5.88 -8.11 31.82
N ILE A 241 5.36 -8.63 30.70
CA ILE A 241 4.30 -9.65 30.71
C ILE A 241 4.83 -11.01 30.27
N LEU A 242 4.90 -11.95 31.23
CA LEU A 242 5.62 -13.22 31.08
C LEU A 242 4.68 -14.45 31.16
N ASP A 243 5.10 -15.62 30.68
CA ASP A 243 4.43 -16.92 31.05
C ASP A 243 4.11 -16.99 32.55
N LEU A 244 2.86 -17.29 32.91
CA LEU A 244 2.46 -17.43 34.35
C LEU A 244 3.19 -18.54 35.06
N MET A 245 3.95 -18.16 36.10
CA MET A 245 4.60 -19.12 37.00
C MET A 245 4.24 -18.73 38.44
N ASN A 246 3.10 -19.24 38.89
CA ASN A 246 2.60 -18.87 40.22
C ASN A 246 3.12 -19.79 41.35
N GLY A 247 4.06 -20.68 41.05
CA GLY A 247 4.48 -21.74 41.96
C GLY A 247 5.66 -21.46 42.87
N GLY A 248 6.28 -20.28 42.75
CA GLY A 248 7.43 -19.90 43.59
C GLY A 248 8.74 -20.35 42.98
N ASP A 249 9.84 -19.76 43.47
CA ASP A 249 11.19 -20.13 43.00
C ASP A 249 11.77 -21.35 43.77
N LEU A 250 12.85 -21.95 43.23
CA LEU A 250 13.47 -23.09 43.91
C LEU A 250 14.34 -22.69 45.14
N HIS A 251 14.65 -21.37 45.32
CA HIS A 251 15.30 -20.88 46.58
C HIS A 251 14.37 -20.96 47.79
N TYR A 252 13.11 -20.56 47.62
CA TYR A 252 12.08 -20.80 48.66
C TYR A 252 11.87 -22.30 48.83
N HIS A 253 11.60 -22.99 47.71
CA HIS A 253 11.25 -24.42 47.75
C HIS A 253 12.33 -25.31 48.33
N LEU A 254 13.58 -25.09 47.93
CA LEU A 254 14.74 -25.75 48.57
C LEU A 254 14.75 -25.51 50.08
N SER A 255 14.50 -24.27 50.48
CA SER A 255 14.45 -23.88 51.88
C SER A 255 13.20 -24.40 52.60
N GLN A 256 12.14 -24.71 51.85
CA GLN A 256 11.01 -25.50 52.36
C GLN A 256 11.31 -27.01 52.32
N HIS A 257 11.36 -27.59 51.11
CA HIS A 257 11.51 -29.05 50.89
C HIS A 257 12.83 -29.64 51.43
N GLY A 258 13.84 -28.80 51.64
CA GLY A 258 15.20 -29.29 51.89
C GLY A 258 15.71 -29.81 50.57
N VAL A 259 16.75 -30.62 50.59
CA VAL A 259 17.35 -31.12 49.34
C VAL A 259 16.45 -32.12 48.57
N PHE A 260 16.83 -32.50 47.35
CA PHE A 260 15.95 -33.34 46.47
C PHE A 260 16.57 -34.67 46.14
N SER A 261 15.74 -35.62 45.73
CA SER A 261 16.22 -36.93 45.29
C SER A 261 17.01 -36.82 43.99
N GLU A 262 17.59 -37.93 43.59
CA GLU A 262 18.26 -38.05 42.30
C GLU A 262 17.23 -38.05 41.17
N ALA A 263 16.17 -38.84 41.32
CA ALA A 263 15.12 -38.96 40.30
C ALA A 263 14.26 -37.69 40.18
N ASP A 264 14.06 -37.01 41.32
CA ASP A 264 13.41 -35.70 41.33
C ASP A 264 14.27 -34.67 40.67
N MET A 265 15.53 -34.59 41.05
CA MET A 265 16.45 -33.68 40.39
C MET A 265 16.52 -34.03 38.89
N ARG A 266 16.45 -35.33 38.52
CA ARG A 266 16.42 -35.76 37.10
C ARG A 266 15.32 -35.09 36.31
N PHE A 267 14.14 -34.96 36.90
CA PHE A 267 13.05 -34.27 36.24
C PHE A 267 13.39 -32.81 36.01
N TYR A 268 13.80 -32.11 37.08
CA TYR A 268 14.22 -30.70 37.00
C TYR A 268 15.37 -30.53 36.04
N ALA A 269 16.35 -31.41 36.13
CA ALA A 269 17.45 -31.38 35.19
C ALA A 269 16.91 -31.47 33.77
N ALA A 270 16.04 -32.47 33.50
CA ALA A 270 15.58 -32.78 32.13
C ALA A 270 14.91 -31.59 31.47
N GLU A 271 14.05 -30.94 32.23
CA GLU A 271 13.37 -29.75 31.76
C GLU A 271 14.31 -28.56 31.63
N ILE A 272 15.12 -28.26 32.65
CA ILE A 272 16.07 -27.14 32.59
C ILE A 272 17.01 -27.29 31.40
N ILE A 273 17.51 -28.50 31.18
CA ILE A 273 18.36 -28.87 30.03
C ILE A 273 17.75 -28.41 28.70
N LEU A 274 16.47 -28.67 28.48
CA LEU A 274 15.84 -28.30 27.22
C LEU A 274 15.63 -26.78 27.18
N GLY A 275 15.22 -26.20 28.32
CA GLY A 275 15.26 -24.74 28.54
C GLY A 275 16.59 -24.08 28.20
N LEU A 276 17.67 -24.75 28.57
CA LEU A 276 19.01 -24.30 28.18
C LEU A 276 19.27 -24.58 26.68
N GLU A 277 18.91 -25.78 26.19
CA GLU A 277 18.97 -26.10 24.75
C GLU A 277 18.30 -24.99 23.91
N HIS A 278 17.15 -24.51 24.38
CA HIS A 278 16.46 -23.43 23.73
C HIS A 278 17.23 -22.10 23.71
N MET A 279 17.76 -21.64 24.84
CA MET A 279 18.56 -20.39 24.91
C MET A 279 19.84 -20.48 24.08
N HIS A 280 20.41 -21.67 24.07
CA HIS A 280 21.67 -21.91 23.43
C HIS A 280 21.51 -22.02 21.93
N ASN A 281 20.40 -22.59 21.47
CA ASN A 281 20.05 -22.56 20.03
C ASN A 281 19.65 -21.17 19.51
N ARG A 282 19.57 -20.19 20.41
CA ARG A 282 19.37 -18.78 20.08
C ARG A 282 20.53 -17.91 20.62
N PHE A 283 21.64 -18.54 20.97
CA PHE A 283 22.84 -17.86 21.42
C PHE A 283 22.65 -16.88 22.59
N VAL A 284 22.00 -17.34 23.68
CA VAL A 284 21.98 -16.61 24.96
C VAL A 284 22.70 -17.38 26.09
N VAL A 285 23.55 -16.66 26.84
CA VAL A 285 24.16 -17.15 28.08
C VAL A 285 23.34 -16.59 29.22
N TYR A 286 22.84 -17.47 30.06
CA TYR A 286 21.98 -17.07 31.13
C TYR A 286 22.70 -16.41 32.30
N ARG A 287 23.89 -16.91 32.63
CA ARG A 287 24.77 -16.30 33.66
C ARG A 287 24.38 -16.50 35.13
N ASP A 288 23.13 -16.20 35.52
CA ASP A 288 22.72 -16.14 36.95
C ASP A 288 21.90 -17.36 37.42
N LEU A 289 22.18 -18.54 36.87
CA LEU A 289 21.43 -19.75 37.24
C LEU A 289 21.70 -20.03 38.72
N LYS A 290 20.62 -20.11 39.48
CA LYS A 290 20.65 -20.33 40.90
C LYS A 290 19.21 -20.59 41.32
N PRO A 291 18.97 -21.22 42.49
CA PRO A 291 17.60 -21.66 42.72
C PRO A 291 16.64 -20.51 42.59
N ALA A 292 17.00 -19.33 43.09
CA ALA A 292 16.08 -18.21 43.14
C ALA A 292 15.58 -17.72 41.76
N ASN A 293 16.16 -18.24 40.67
CA ASN A 293 15.78 -17.88 39.32
C ASN A 293 15.07 -18.99 38.51
N ILE A 294 14.97 -20.20 39.09
CA ILE A 294 14.10 -21.26 38.54
C ILE A 294 12.78 -21.16 39.26
N LEU A 295 11.72 -21.52 38.55
CA LEU A 295 10.36 -21.20 38.89
C LEU A 295 9.42 -22.28 38.35
N LEU A 296 8.38 -22.55 39.14
CA LEU A 296 7.47 -23.67 38.93
C LEU A 296 6.12 -23.18 38.46
N ASP A 297 5.51 -23.91 37.51
CA ASP A 297 4.09 -23.70 37.20
C ASP A 297 3.30 -24.39 38.34
N GLU A 298 2.04 -24.78 38.11
CA GLU A 298 1.19 -25.31 39.15
C GLU A 298 0.94 -26.82 38.99
N HIS A 299 1.41 -27.40 37.87
CA HIS A 299 1.66 -28.86 37.80
C HIS A 299 3.04 -29.20 38.34
N GLY A 300 3.92 -28.22 38.46
CA GLY A 300 5.27 -28.45 38.94
C GLY A 300 6.34 -28.54 37.85
N HIS A 301 5.96 -28.41 36.58
CA HIS A 301 6.94 -28.24 35.50
C HIS A 301 7.60 -26.89 35.69
N VAL A 302 8.83 -26.79 35.24
CA VAL A 302 9.65 -25.61 35.53
C VAL A 302 10.00 -24.78 34.30
N ARG A 303 10.46 -23.55 34.61
CA ARG A 303 10.98 -22.61 33.64
C ARG A 303 12.06 -21.73 34.30
N ILE A 304 12.98 -21.23 33.46
CA ILE A 304 14.09 -20.39 33.89
C ILE A 304 13.61 -18.94 33.83
N SER A 305 14.13 -18.04 34.68
CA SER A 305 13.63 -16.64 34.75
C SER A 305 14.69 -15.60 35.13
N ASP A 306 14.30 -14.32 35.21
CA ASP A 306 15.19 -13.21 35.63
C ASP A 306 16.42 -13.10 34.76
N LEU A 307 16.20 -12.60 33.54
CA LEU A 307 17.24 -12.61 32.51
C LEU A 307 18.16 -11.38 32.56
N GLY A 308 18.01 -10.56 33.62
CA GLY A 308 18.66 -9.26 33.73
C GLY A 308 20.18 -9.24 33.69
N LEU A 309 20.78 -10.39 33.96
CA LEU A 309 22.22 -10.52 33.86
C LEU A 309 22.63 -11.40 32.67
N ALA A 310 21.67 -11.82 31.83
CA ALA A 310 21.96 -12.66 30.67
C ALA A 310 22.62 -11.85 29.52
N CYS A 311 23.03 -12.55 28.46
CA CYS A 311 23.86 -11.92 27.45
C CYS A 311 23.81 -12.60 26.08
N ASP A 312 23.65 -11.79 25.04
CA ASP A 312 23.80 -12.25 23.64
C ASP A 312 25.28 -12.58 23.46
N PHE A 313 25.60 -13.82 23.11
CA PHE A 313 26.97 -14.23 22.77
C PHE A 313 27.07 -14.57 21.27
N SER A 314 26.00 -14.29 20.52
CA SER A 314 26.00 -14.39 19.06
C SER A 314 27.10 -13.54 18.40
N LYS A 315 27.37 -12.35 18.97
CA LYS A 315 28.44 -11.43 18.48
C LYS A 315 29.70 -11.50 19.37
N LYS A 316 29.77 -10.65 20.40
CA LYS A 316 30.94 -10.57 21.28
C LYS A 316 30.68 -11.33 22.58
N LYS A 317 31.58 -12.23 22.91
CA LYS A 317 31.49 -13.06 24.10
C LYS A 317 31.91 -12.24 25.32
N PRO A 318 31.07 -12.17 26.36
CA PRO A 318 31.30 -11.28 27.50
C PRO A 318 32.48 -11.64 28.38
N HIS A 319 33.01 -10.66 29.11
CA HIS A 319 34.16 -10.84 30.00
C HIS A 319 33.93 -10.45 31.47
N ALA A 320 32.93 -9.60 31.71
CA ALA A 320 32.66 -9.09 33.06
C ALA A 320 32.34 -10.18 34.09
N SER A 321 32.72 -9.93 35.34
CA SER A 321 32.40 -10.83 36.44
C SER A 321 31.02 -10.52 36.98
N VAL A 322 30.01 -11.03 36.25
CA VAL A 322 28.61 -10.91 36.64
C VAL A 322 28.04 -12.32 36.80
N GLY A 323 27.13 -12.45 37.76
CA GLY A 323 26.59 -13.73 38.20
C GLY A 323 26.41 -13.57 39.68
N THR A 324 26.49 -14.64 40.43
CA THR A 324 26.45 -14.52 41.89
C THR A 324 27.61 -15.33 42.41
N HIS A 325 28.29 -14.84 43.45
CA HIS A 325 29.55 -15.46 43.93
C HIS A 325 29.55 -17.00 44.14
N GLY A 326 28.41 -17.59 44.50
CA GLY A 326 28.35 -19.04 44.56
C GLY A 326 28.46 -19.81 43.24
N TYR A 327 27.94 -19.22 42.18
CA TYR A 327 27.55 -20.00 41.00
C TYR A 327 28.25 -19.58 39.72
N MET A 328 29.32 -18.79 39.83
CA MET A 328 30.05 -18.30 38.64
C MET A 328 31.01 -19.35 38.17
N ALA A 329 31.18 -19.47 36.85
CA ALA A 329 32.26 -20.32 36.32
C ALA A 329 33.64 -19.63 36.51
N PRO A 330 34.73 -20.44 36.54
CA PRO A 330 36.07 -19.81 36.58
C PRO A 330 36.20 -18.72 35.54
N GLU A 331 35.87 -19.04 34.28
CA GLU A 331 36.02 -18.09 33.18
C GLU A 331 35.26 -16.75 33.33
N VAL A 332 34.15 -16.79 34.05
CA VAL A 332 33.41 -15.59 34.40
C VAL A 332 34.15 -14.76 35.45
N LEU A 333 34.65 -15.41 36.52
CA LEU A 333 35.27 -14.70 37.66
C LEU A 333 36.54 -13.92 37.30
N GLN A 334 37.33 -14.50 36.40
CA GLN A 334 38.55 -13.88 35.88
C GLN A 334 38.15 -12.78 34.90
N LYS A 335 38.71 -11.58 35.09
CA LYS A 335 38.65 -10.54 34.06
C LYS A 335 39.64 -10.95 32.98
N GLY A 336 39.45 -10.42 31.79
CA GLY A 336 40.33 -10.75 30.66
C GLY A 336 40.11 -12.13 30.04
N VAL A 337 39.06 -12.83 30.50
CA VAL A 337 38.66 -14.13 29.97
C VAL A 337 37.23 -13.96 29.48
N ALA A 338 37.01 -14.32 28.21
CA ALA A 338 35.68 -14.34 27.62
C ALA A 338 35.03 -15.72 27.75
N TYR A 339 33.70 -15.77 27.66
CA TYR A 339 32.92 -17.01 27.78
C TYR A 339 31.66 -17.02 26.93
N ASP A 340 31.17 -18.22 26.63
CA ASP A 340 29.95 -18.41 25.87
C ASP A 340 28.94 -19.18 26.74
N SER A 341 28.09 -20.04 26.14
CA SER A 341 27.09 -20.82 26.85
C SER A 341 27.70 -21.77 27.88
N SER A 342 28.99 -22.07 27.76
CA SER A 342 29.72 -22.85 28.77
C SER A 342 29.41 -22.48 30.22
N ALA A 343 29.20 -21.19 30.50
CA ALA A 343 28.94 -20.73 31.88
C ALA A 343 27.68 -21.38 32.49
N ASP A 344 26.68 -21.60 31.63
CA ASP A 344 25.41 -22.19 32.03
C ASP A 344 25.57 -23.63 32.49
N TRP A 345 26.41 -24.42 31.81
CA TRP A 345 26.57 -25.83 32.17
C TRP A 345 27.32 -25.97 33.51
N PHE A 346 28.29 -25.09 33.80
CA PHE A 346 28.90 -25.02 35.15
C PHE A 346 27.91 -24.52 36.20
N SER A 347 27.23 -23.42 35.92
CA SER A 347 26.20 -22.93 36.82
C SER A 347 25.19 -24.05 37.13
N LEU A 348 24.76 -24.80 36.09
CA LEU A 348 23.84 -25.95 36.26
C LEU A 348 24.38 -26.94 37.31
N GLY A 349 25.64 -27.32 37.20
CA GLY A 349 26.28 -28.16 38.18
C GLY A 349 26.27 -27.57 39.58
N CYS A 350 26.63 -26.28 39.73
CA CYS A 350 26.61 -25.63 41.07
C CYS A 350 25.22 -25.69 41.67
N MET A 351 24.25 -25.38 40.80
CA MET A 351 22.84 -25.29 41.13
C MET A 351 22.22 -26.66 41.37
N LEU A 352 22.57 -27.66 40.56
CA LEU A 352 22.08 -29.04 40.75
C LEU A 352 22.73 -29.69 41.98
N PHE A 353 24.02 -29.42 42.19
CA PHE A 353 24.70 -29.78 43.42
C PHE A 353 24.10 -29.09 44.63
N LYS A 354 23.72 -27.83 44.52
CA LYS A 354 23.02 -27.17 45.63
C LYS A 354 21.64 -27.76 45.85
N LEU A 355 20.96 -28.20 44.79
CA LEU A 355 19.65 -28.83 44.95
C LEU A 355 19.80 -30.13 45.71
N LEU A 356 20.91 -30.83 45.48
CA LEU A 356 21.20 -32.07 46.19
C LEU A 356 21.82 -31.87 47.58
N ARG A 357 22.42 -30.71 47.85
CA ARG A 357 23.16 -30.45 49.11
C ARG A 357 22.83 -29.17 49.92
N GLY A 358 22.07 -28.23 49.38
CA GLY A 358 21.68 -27.01 50.13
C GLY A 358 22.63 -25.84 50.22
N HIS A 359 23.76 -25.90 49.53
CA HIS A 359 24.66 -24.75 49.41
C HIS A 359 25.56 -24.90 48.21
N SER A 360 26.01 -23.78 47.67
CA SER A 360 26.95 -23.82 46.55
C SER A 360 28.13 -24.70 46.96
N PRO A 361 28.66 -25.50 46.02
CA PRO A 361 29.87 -26.24 46.35
C PRO A 361 31.03 -25.38 46.85
N PHE A 362 31.11 -24.13 46.40
CA PHE A 362 32.20 -23.22 46.77
C PHE A 362 31.86 -22.16 47.83
N ARG A 363 30.71 -22.29 48.50
CA ARG A 363 30.37 -21.47 49.67
C ARG A 363 30.51 -22.33 50.93
N GLN A 364 31.76 -22.70 51.23
CA GLN A 364 32.05 -23.52 52.39
C GLN A 364 31.87 -22.72 53.69
N HIS A 365 31.49 -23.42 54.75
CA HIS A 365 31.44 -22.88 56.13
C HIS A 365 30.56 -21.61 56.32
N LYS A 366 29.47 -21.52 55.56
CA LYS A 366 28.52 -20.40 55.63
C LYS A 366 29.20 -19.04 55.84
N THR A 367 30.09 -18.70 54.91
CA THR A 367 30.91 -17.49 54.96
C THR A 367 30.39 -16.40 54.01
N LYS A 368 30.48 -15.15 54.47
CA LYS A 368 30.17 -13.98 53.64
C LYS A 368 31.42 -13.39 52.94
N ASP A 369 32.59 -13.97 53.19
CA ASP A 369 33.86 -13.47 52.65
C ASP A 369 33.93 -13.74 51.15
N LYS A 370 33.35 -12.81 50.37
CA LYS A 370 33.26 -12.92 48.90
C LYS A 370 34.60 -13.31 48.27
N HIS A 371 35.66 -12.71 48.78
CA HIS A 371 37.04 -12.94 48.30
C HIS A 371 37.44 -14.43 48.42
N GLU A 372 37.13 -15.05 49.56
CA GLU A 372 37.41 -16.48 49.78
C GLU A 372 36.60 -17.38 48.83
N ILE A 373 35.33 -17.03 48.66
CA ILE A 373 34.40 -17.81 47.84
C ILE A 373 34.91 -17.94 46.41
N ASP A 374 35.42 -16.84 45.87
CA ASP A 374 35.97 -16.83 44.52
C ASP A 374 37.23 -17.70 44.39
N ARG A 375 38.16 -17.63 45.35
CA ARG A 375 39.38 -18.46 45.26
C ARG A 375 39.13 -19.97 45.38
N MET A 376 38.06 -20.38 46.08
CA MET A 376 37.64 -21.80 46.12
C MET A 376 37.10 -22.24 44.74
N THR A 377 36.31 -21.37 44.11
CA THR A 377 35.81 -21.61 42.75
C THR A 377 36.97 -21.73 41.75
N LEU A 378 37.97 -20.87 41.94
CA LEU A 378 39.18 -20.85 41.09
C LEU A 378 40.08 -22.08 41.31
N THR A 379 40.41 -22.38 42.58
CA THR A 379 41.40 -23.43 42.91
C THR A 379 40.82 -24.85 43.19
N MET A 380 40.19 -25.07 44.35
CA MET A 380 39.78 -26.43 44.79
C MET A 380 38.81 -27.18 43.83
N ALA A 381 38.59 -28.47 44.09
CA ALA A 381 37.84 -29.37 43.19
C ALA A 381 36.58 -30.02 43.84
N VAL A 382 35.94 -30.92 43.09
CA VAL A 382 34.56 -31.34 43.37
C VAL A 382 34.38 -32.41 44.48
N GLU A 383 34.20 -31.94 45.72
CA GLU A 383 33.94 -32.83 46.86
C GLU A 383 32.52 -33.41 46.76
N LEU A 384 32.39 -34.45 45.94
CA LEU A 384 31.12 -35.15 45.73
C LEU A 384 30.97 -36.25 46.77
N PRO A 385 29.87 -36.26 47.54
CA PRO A 385 29.51 -37.40 48.37
C PRO A 385 29.44 -38.77 47.63
N ASP A 386 29.72 -39.85 48.38
CA ASP A 386 29.74 -41.24 47.86
C ASP A 386 28.32 -41.81 47.69
N SER A 387 27.34 -41.20 48.37
CA SER A 387 25.91 -41.49 48.22
C SER A 387 25.37 -41.31 46.80
N PHE A 388 25.94 -40.36 46.05
CA PHE A 388 25.58 -40.09 44.64
C PHE A 388 25.81 -41.34 43.78
N SER A 389 24.89 -41.63 42.85
CA SER A 389 24.99 -42.84 42.01
C SER A 389 26.07 -42.72 40.94
N PRO A 390 26.44 -43.86 40.32
CA PRO A 390 27.41 -43.85 39.23
C PRO A 390 27.05 -42.94 38.06
N GLU A 391 25.84 -43.12 37.53
CA GLU A 391 25.38 -42.29 36.41
C GLU A 391 25.28 -40.78 36.78
N LEU A 392 24.95 -40.45 38.03
CA LEU A 392 24.95 -39.05 38.51
C LEU A 392 26.36 -38.47 38.70
N ARG A 393 27.30 -39.28 39.18
CA ARG A 393 28.66 -38.79 39.46
C ARG A 393 29.33 -38.32 38.18
N SER A 394 29.17 -39.12 37.12
CA SER A 394 29.67 -38.79 35.79
C SER A 394 29.11 -37.46 35.31
N LEU A 395 27.81 -37.25 35.53
CA LEU A 395 27.16 -35.99 35.15
C LEU A 395 27.77 -34.76 35.81
N LEU A 396 27.76 -34.66 37.15
CA LEU A 396 28.26 -33.43 37.81
C LEU A 396 29.76 -33.17 37.63
N GLU A 397 30.56 -34.23 37.63
CA GLU A 397 31.96 -34.10 37.25
C GLU A 397 32.05 -33.50 35.87
N GLY A 398 31.19 -34.00 34.98
CA GLY A 398 31.06 -33.47 33.63
C GLY A 398 30.67 -32.00 33.56
N LEU A 399 29.69 -31.59 34.37
CA LEU A 399 29.22 -30.20 34.38
C LEU A 399 30.17 -29.25 35.12
N LEU A 400 30.84 -29.73 36.18
CA LEU A 400 31.69 -28.88 37.05
C LEU A 400 33.17 -28.83 36.70
N GLN A 401 33.51 -29.25 35.48
CA GLN A 401 34.87 -29.11 34.96
C GLN A 401 35.21 -27.62 34.98
N ARG A 402 36.32 -27.24 35.62
CA ARG A 402 36.80 -25.86 35.56
C ARG A 402 37.35 -25.47 34.17
N ASP A 403 37.75 -26.47 33.38
CA ASP A 403 38.23 -26.28 32.03
C ASP A 403 37.12 -26.63 31.04
N VAL A 404 36.73 -25.64 30.22
CA VAL A 404 35.66 -25.78 29.21
C VAL A 404 35.85 -26.97 28.25
N ASN A 405 37.10 -27.23 27.84
CA ASN A 405 37.43 -28.38 26.97
C ASN A 405 36.74 -29.70 27.33
N ARG A 406 36.57 -29.92 28.62
CA ARG A 406 36.06 -31.18 29.15
C ARG A 406 34.63 -31.12 29.65
N ARG A 407 34.09 -29.91 29.81
CA ARG A 407 32.79 -29.72 30.47
C ARG A 407 31.67 -30.30 29.61
N LEU A 408 30.81 -31.08 30.24
CA LEU A 408 29.79 -31.82 29.53
C LEU A 408 28.82 -30.80 28.90
N GLY A 409 28.37 -31.10 27.69
CA GLY A 409 27.63 -30.14 26.86
C GLY A 409 28.43 -29.01 26.21
N CYS A 410 29.76 -29.06 26.29
CA CYS A 410 30.65 -28.08 25.70
C CYS A 410 31.63 -28.74 24.70
N LEU A 411 31.34 -29.97 24.26
CA LEU A 411 32.25 -30.72 23.39
C LEU A 411 31.88 -30.66 21.92
N GLY A 412 30.64 -30.27 21.59
CA GLY A 412 30.22 -30.19 20.19
C GLY A 412 28.73 -30.22 19.92
N ARG A 413 28.05 -31.28 20.38
CA ARG A 413 26.61 -31.47 20.13
C ARG A 413 25.71 -30.90 21.23
N GLY A 414 26.29 -30.08 22.11
CA GLY A 414 25.52 -29.19 23.00
C GLY A 414 24.70 -29.93 24.03
N ALA A 415 23.40 -29.69 24.03
CA ALA A 415 22.51 -30.28 25.02
C ALA A 415 22.34 -31.78 24.87
N GLN A 416 22.38 -32.30 23.64
CA GLN A 416 22.30 -33.75 23.45
C GLN A 416 23.49 -34.52 24.08
N GLU A 417 24.64 -33.87 24.25
CA GLU A 417 25.74 -34.49 25.01
C GLU A 417 25.30 -34.80 26.44
N VAL A 418 24.45 -33.93 26.98
CA VAL A 418 23.85 -34.11 28.30
C VAL A 418 22.68 -35.10 28.20
N LYS A 419 21.84 -35.00 27.18
CA LYS A 419 20.71 -35.97 27.03
C LYS A 419 21.15 -37.43 26.95
N GLU A 420 22.17 -37.71 26.15
CA GLU A 420 22.69 -39.08 26.04
C GLU A 420 23.36 -39.66 27.30
N SER A 421 23.59 -38.82 28.33
CA SER A 421 24.21 -39.25 29.57
C SER A 421 23.48 -40.47 30.10
N PRO A 422 24.23 -41.40 30.74
CA PRO A 422 23.56 -42.55 31.32
C PRO A 422 22.49 -42.09 32.28
N PHE A 423 22.75 -41.01 33.01
CA PHE A 423 21.78 -40.47 33.98
C PHE A 423 20.36 -40.32 33.43
N PHE A 424 20.23 -40.03 32.14
CA PHE A 424 18.93 -39.92 31.46
C PHE A 424 18.60 -41.12 30.50
N ARG A 425 19.21 -42.29 30.72
CA ARG A 425 19.11 -43.44 29.77
C ARG A 425 17.67 -43.93 29.58
N SER A 426 16.95 -44.02 30.70
CA SER A 426 15.53 -44.39 30.75
C SER A 426 14.58 -43.56 29.86
N LEU A 427 14.93 -42.29 29.63
CA LEU A 427 13.96 -41.34 29.08
C LEU A 427 13.76 -41.50 27.58
N ASP A 428 12.51 -41.34 27.15
CA ASP A 428 12.18 -41.10 25.74
C ASP A 428 12.03 -39.57 25.60
N TRP A 429 13.09 -38.89 25.16
CA TRP A 429 13.12 -37.40 25.12
C TRP A 429 12.04 -36.72 24.32
N GLN A 430 11.38 -37.43 23.40
CA GLN A 430 10.10 -36.99 22.86
C GLN A 430 9.00 -36.91 23.93
N MET A 431 8.96 -37.87 24.86
CA MET A 431 7.99 -37.79 25.94
C MET A 431 8.35 -36.65 26.89
N VAL A 432 9.64 -36.31 27.04
CA VAL A 432 10.07 -35.22 27.95
C VAL A 432 9.64 -33.86 27.44
N PHE A 433 9.99 -33.57 26.19
CA PHE A 433 9.61 -32.32 25.55
C PHE A 433 8.09 -32.19 25.54
N LEU A 434 7.38 -33.32 25.40
CA LEU A 434 5.90 -33.37 25.45
C LEU A 434 5.27 -33.22 26.85
N GLN A 435 6.07 -32.85 27.86
CA GLN A 435 5.64 -32.76 29.26
C GLN A 435 4.83 -33.97 29.74
N LYS A 436 5.15 -35.15 29.20
CA LYS A 436 4.38 -36.39 29.39
C LYS A 436 4.90 -37.25 30.59
N TYR A 437 5.93 -36.76 31.29
CA TYR A 437 6.51 -37.42 32.46
C TYR A 437 6.08 -36.66 33.69
N PRO A 438 5.82 -37.37 34.80
CA PRO A 438 5.21 -36.71 35.95
C PRO A 438 6.21 -35.88 36.79
N PRO A 439 5.84 -34.62 37.13
CA PRO A 439 6.67 -33.80 38.02
C PRO A 439 6.68 -34.22 39.50
N PRO A 440 7.79 -33.92 40.21
CA PRO A 440 8.12 -34.30 41.59
C PRO A 440 7.59 -33.45 42.73
N LEU A 441 7.32 -32.16 42.45
CA LEU A 441 6.79 -31.22 43.44
C LEU A 441 5.71 -30.32 42.84
N ILE A 442 4.47 -30.65 43.17
CA ILE A 442 3.29 -29.83 42.90
C ILE A 442 3.20 -28.78 44.01
N PRO A 443 3.29 -27.46 43.70
CA PRO A 443 3.25 -26.44 44.77
C PRO A 443 1.88 -26.30 45.42
N PRO A 444 1.83 -26.04 46.76
CA PRO A 444 0.53 -25.91 47.46
C PRO A 444 -0.20 -24.61 47.16
N ARG A 445 -1.52 -24.62 47.39
CA ARG A 445 -2.39 -23.47 47.09
C ARG A 445 -2.47 -22.50 48.28
N GLY A 446 -2.21 -21.21 48.02
CA GLY A 446 -2.07 -20.22 49.09
C GLY A 446 -0.71 -20.33 49.77
N GLU A 447 0.31 -19.71 49.14
CA GLU A 447 1.67 -19.66 49.68
C GLU A 447 2.24 -18.23 49.60
N VAL A 448 2.43 -17.61 50.77
CA VAL A 448 3.07 -16.28 50.85
C VAL A 448 4.58 -16.39 50.66
N ASN A 449 5.16 -15.33 50.06
CA ASN A 449 6.61 -15.16 49.87
C ASN A 449 7.28 -16.30 49.08
N ALA A 450 6.55 -16.87 48.12
CA ALA A 450 7.06 -17.98 47.33
C ALA A 450 8.22 -17.59 46.36
N ALA A 451 8.44 -16.29 46.13
CA ALA A 451 9.57 -15.81 45.31
C ALA A 451 10.09 -14.41 45.69
N ASP A 452 10.31 -14.16 46.99
CA ASP A 452 10.95 -12.92 47.46
C ASP A 452 12.46 -13.06 47.44
N ALA A 453 13.15 -11.91 47.53
CA ALA A 453 14.60 -11.85 47.76
C ALA A 453 14.81 -11.45 49.22
N PHE A 454 16.07 -11.32 49.64
CA PHE A 454 16.41 -11.05 51.05
C PHE A 454 15.75 -9.82 51.70
N ASP A 455 15.87 -8.65 51.06
CA ASP A 455 15.30 -7.40 51.59
C ASP A 455 13.79 -7.31 51.34
N SER A 472 14.54 14.85 32.77
CA SER A 472 15.88 14.27 32.60
C SER A 472 15.88 12.73 32.51
N ASP A 473 15.94 12.04 33.66
CA ASP A 473 16.20 10.57 33.76
C ASP A 473 15.30 9.69 32.88
N GLN A 474 14.04 10.09 32.77
CA GLN A 474 13.00 9.44 31.93
C GLN A 474 13.40 9.07 30.49
N GLU A 475 14.33 9.83 29.90
CA GLU A 475 14.83 9.56 28.54
C GLU A 475 15.35 8.13 28.35
N LEU A 476 15.98 7.57 29.39
CA LEU A 476 16.58 6.23 29.33
C LEU A 476 15.63 5.08 28.95
N TYR A 477 14.34 5.24 29.24
CA TYR A 477 13.32 4.23 28.96
C TYR A 477 12.35 4.65 27.87
N ARG A 478 12.82 5.42 26.89
CA ARG A 478 11.97 5.95 25.81
C ARG A 478 11.32 4.86 24.94
N ASN A 479 12.12 3.91 24.48
CA ASN A 479 11.70 2.87 23.51
C ASN A 479 11.22 1.51 24.13
N PHE A 480 10.83 1.52 25.41
CA PHE A 480 10.67 0.27 26.19
C PHE A 480 9.56 -0.69 25.71
N PRO A 481 8.44 -0.17 25.17
CA PRO A 481 7.36 -1.09 24.76
C PRO A 481 7.67 -2.13 23.66
N LEU A 482 7.07 -3.33 23.76
CA LEU A 482 7.35 -4.46 22.82
C LEU A 482 6.24 -5.56 22.80
N THR A 483 6.07 -6.26 21.66
CA THR A 483 5.11 -7.38 21.46
C THR A 483 5.69 -8.49 20.54
N ILE A 484 5.35 -9.74 20.84
CA ILE A 484 5.86 -10.92 20.12
C ILE A 484 4.76 -11.59 19.27
N SER A 485 4.93 -11.60 17.96
CA SER A 485 3.85 -12.09 17.08
C SER A 485 3.41 -13.53 17.32
N GLU A 486 4.35 -14.47 17.36
CA GLU A 486 4.03 -15.90 17.51
C GLU A 486 3.24 -16.15 18.79
N ARG A 487 3.55 -15.39 19.82
CA ARG A 487 2.85 -15.49 21.08
C ARG A 487 1.45 -14.94 21.02
N TRP A 488 1.28 -13.74 20.45
CA TRP A 488 -0.06 -13.18 20.29
C TRP A 488 -0.94 -14.04 19.37
N GLN A 489 -0.35 -14.73 18.37
CA GLN A 489 -1.16 -15.55 17.44
C GLN A 489 -1.65 -16.89 18.00
N GLN A 490 -0.76 -17.67 18.61
CA GLN A 490 -1.23 -18.89 19.30
C GLN A 490 -2.26 -18.48 20.34
N GLU A 491 -1.96 -17.48 21.19
CA GLU A 491 -2.92 -16.93 22.20
C GLU A 491 -4.31 -16.81 21.62
N VAL A 492 -4.42 -16.24 20.43
CA VAL A 492 -5.69 -16.07 19.74
C VAL A 492 -6.25 -17.42 19.26
N ALA A 493 -5.47 -18.17 18.48
CA ALA A 493 -5.90 -19.47 17.88
C ALA A 493 -6.45 -20.45 18.89
N GLU A 494 -5.77 -20.57 20.03
CA GLU A 494 -6.22 -21.44 21.14
C GLU A 494 -7.56 -20.95 21.67
N THR A 495 -7.67 -19.62 21.83
CA THR A 495 -8.81 -18.98 22.47
C THR A 495 -9.90 -18.59 21.46
N VAL A 496 -9.97 -17.30 21.15
CA VAL A 496 -11.18 -16.69 20.60
C VAL A 496 -11.37 -16.89 19.08
N PHE A 497 -10.38 -17.46 18.41
CA PHE A 497 -10.34 -17.46 16.94
C PHE A 497 -11.59 -17.97 16.21
N ASP A 498 -11.83 -19.28 16.22
CA ASP A 498 -12.95 -19.91 15.49
C ASP A 498 -14.33 -19.31 15.83
N THR A 499 -14.51 -18.86 17.07
CA THR A 499 -15.75 -18.21 17.48
C THR A 499 -15.86 -16.77 16.95
N ILE A 500 -14.75 -16.02 16.98
CA ILE A 500 -14.68 -14.68 16.39
C ILE A 500 -14.88 -14.75 14.86
N ASN A 501 -14.24 -15.73 14.20
CA ASN A 501 -14.44 -15.96 12.75
C ASN A 501 -15.87 -16.28 12.38
N ALA A 502 -16.58 -17.00 13.25
CA ALA A 502 -18.00 -17.29 13.08
C ALA A 502 -18.83 -16.03 13.30
N GLU A 503 -18.64 -15.39 14.46
CA GLU A 503 -19.29 -14.11 14.81
C GLU A 503 -19.10 -13.09 13.68
N THR A 504 -17.87 -12.99 13.18
CA THR A 504 -17.57 -12.13 12.06
C THR A 504 -18.18 -12.65 10.75
N ASP A 505 -18.18 -13.96 10.49
CA ASP A 505 -18.74 -14.50 9.21
C ASP A 505 -20.26 -14.32 9.07
N ARG A 506 -20.99 -14.45 10.17
CA ARG A 506 -22.41 -14.06 10.20
C ARG A 506 -22.57 -12.55 9.98
N LEU A 507 -21.82 -11.77 10.76
CA LEU A 507 -21.84 -10.29 10.69
C LEU A 507 -21.60 -9.82 9.26
N GLU A 508 -20.61 -10.43 8.62
CA GLU A 508 -20.29 -10.13 7.21
C GLU A 508 -21.38 -10.66 6.25
N ALA A 509 -21.69 -11.96 6.31
CA ALA A 509 -22.70 -12.56 5.41
C ALA A 509 -24.10 -11.96 5.53
N ARG A 510 -24.46 -11.44 6.71
CA ARG A 510 -25.71 -10.68 6.88
C ARG A 510 -25.67 -9.43 6.04
N LYS A 511 -24.58 -8.67 6.18
CA LYS A 511 -24.39 -7.42 5.44
C LYS A 511 -24.13 -7.58 3.93
N LYS A 512 -23.78 -8.80 3.49
CA LYS A 512 -23.69 -9.15 2.05
C LYS A 512 -25.05 -9.62 1.50
N ALA A 513 -25.86 -10.25 2.35
CA ALA A 513 -27.29 -10.43 2.06
C ALA A 513 -28.03 -9.08 2.07
N LYS A 514 -27.60 -8.16 2.94
CA LYS A 514 -28.15 -6.80 3.04
C LYS A 514 -27.82 -5.96 1.80
N ASN A 515 -26.65 -6.21 1.21
CA ASN A 515 -26.21 -5.54 -0.03
C ASN A 515 -26.79 -6.20 -1.30
N LYS A 516 -26.88 -7.52 -1.32
CA LYS A 516 -27.42 -8.28 -2.47
C LYS A 516 -28.94 -8.09 -2.64
N GLN A 517 -29.70 -8.18 -1.53
CA GLN A 517 -31.17 -8.07 -1.54
C GLN A 517 -31.64 -6.62 -1.81
N LEU A 518 -30.94 -5.65 -1.22
CA LEU A 518 -31.20 -4.21 -1.48
C LEU A 518 -30.88 -3.79 -2.94
N GLY A 519 -30.04 -4.58 -3.63
CA GLY A 519 -29.68 -4.33 -5.03
C GLY A 519 -28.57 -3.32 -5.14
N HIS A 520 -27.65 -3.36 -4.17
CA HIS A 520 -26.62 -2.33 -4.00
C HIS A 520 -25.29 -2.97 -3.59
N GLU A 521 -24.43 -3.24 -4.59
CA GLU A 521 -23.07 -3.74 -4.34
C GLU A 521 -22.08 -2.59 -4.05
N GLU A 522 -21.03 -2.89 -3.27
CA GLU A 522 -20.00 -1.89 -2.91
C GLU A 522 -18.68 -2.21 -3.62
N ASP A 523 -18.54 -1.61 -4.80
CA ASP A 523 -17.51 -1.95 -5.77
C ASP A 523 -16.92 -0.71 -6.45
N TYR A 524 -16.91 0.41 -5.73
CA TYR A 524 -16.40 1.68 -6.24
C TYR A 524 -14.91 1.60 -6.54
N ALA A 525 -14.20 0.72 -5.85
CA ALA A 525 -12.80 0.46 -6.11
C ALA A 525 -12.51 -0.37 -7.37
N LEU A 526 -13.47 -1.17 -7.82
CA LEU A 526 -13.19 -2.26 -8.77
C LEU A 526 -13.31 -1.79 -10.21
N GLY A 527 -12.45 -2.33 -11.07
CA GLY A 527 -12.43 -1.96 -12.49
C GLY A 527 -11.87 -0.59 -12.79
N LYS A 528 -11.06 -0.05 -11.89
CA LYS A 528 -10.42 1.27 -12.04
C LYS A 528 -8.90 1.13 -11.80
N ASP A 529 -8.31 2.13 -11.15
CA ASP A 529 -6.88 2.21 -10.91
C ASP A 529 -6.65 2.59 -9.46
N CYS A 530 -7.58 2.19 -8.60
CA CYS A 530 -7.49 2.48 -7.16
C CYS A 530 -6.21 1.89 -6.58
N ILE A 531 -5.54 2.69 -5.75
CA ILE A 531 -4.31 2.31 -5.08
C ILE A 531 -4.65 1.60 -3.77
N MET A 532 -5.46 2.27 -2.95
CA MET A 532 -5.72 1.85 -1.58
C MET A 532 -6.92 2.62 -1.00
N HIS A 533 -7.83 1.92 -0.36
CA HIS A 533 -9.00 2.55 0.27
C HIS A 533 -9.14 2.09 1.70
N GLY A 534 -9.97 2.80 2.47
CA GLY A 534 -10.20 2.49 3.89
C GLY A 534 -10.51 3.72 4.70
N TYR A 535 -10.97 3.52 5.94
CA TYR A 535 -11.39 4.64 6.80
C TYR A 535 -10.24 5.40 7.46
N MET A 536 -10.47 6.69 7.73
CA MET A 536 -9.72 7.53 8.67
C MET A 536 -10.65 8.64 9.19
N SER A 537 -10.14 9.54 10.05
CA SER A 537 -10.94 10.62 10.68
C SER A 537 -10.31 12.01 10.55
N LYS A 538 -11.05 12.95 9.95
CA LYS A 538 -10.55 14.30 9.67
C LYS A 538 -11.14 15.32 10.63
N MET A 539 -10.37 16.35 10.96
CA MET A 539 -10.85 17.48 11.75
C MET A 539 -11.21 18.57 10.75
N GLY A 540 -12.50 18.91 10.68
CA GLY A 540 -13.02 19.93 9.74
C GLY A 540 -13.66 21.14 10.40
N ASN A 541 -13.18 21.50 11.58
CA ASN A 541 -13.67 22.66 12.33
C ASN A 541 -12.47 23.25 13.07
N PRO A 542 -11.64 24.03 12.36
CA PRO A 542 -10.25 24.34 12.79
C PRO A 542 -10.10 25.15 14.09
N PHE A 543 -11.13 25.92 14.45
CA PHE A 543 -11.20 26.56 15.77
C PHE A 543 -11.70 25.57 16.83
N LEU A 544 -12.69 24.75 16.44
CA LEU A 544 -13.52 23.95 17.35
C LEU A 544 -12.89 22.65 17.87
N THR A 545 -12.10 21.97 17.03
CA THR A 545 -11.60 20.61 17.32
C THR A 545 -12.78 19.63 17.41
N GLN A 546 -13.31 19.27 16.24
CA GLN A 546 -14.39 18.29 16.08
C GLN A 546 -14.06 17.32 14.95
N TRP A 547 -13.99 16.04 15.27
CA TRP A 547 -13.45 15.00 14.39
C TRP A 547 -14.56 14.21 13.70
N GLN A 548 -14.31 13.77 12.48
CA GLN A 548 -15.32 13.12 11.63
C GLN A 548 -14.68 11.94 10.91
N ARG A 549 -15.34 10.78 10.91
CA ARG A 549 -14.80 9.55 10.31
C ARG A 549 -15.38 9.32 8.92
N ARG A 550 -14.55 8.88 7.98
CA ARG A 550 -14.94 8.77 6.56
C ARG A 550 -14.22 7.62 5.88
N TYR A 551 -14.73 7.16 4.73
CA TYR A 551 -14.03 6.16 3.90
C TYR A 551 -13.24 6.87 2.80
N PHE A 552 -11.93 6.71 2.79
CA PHE A 552 -11.08 7.35 1.80
C PHE A 552 -10.75 6.40 0.66
N TYR A 553 -10.73 6.92 -0.56
CA TYR A 553 -10.18 6.22 -1.71
C TYR A 553 -8.98 7.05 -2.17
N LEU A 554 -7.78 6.46 -2.15
CA LEU A 554 -6.59 7.11 -2.70
C LEU A 554 -6.44 6.61 -4.11
N PHE A 555 -6.45 7.58 -5.03
CA PHE A 555 -6.18 7.36 -6.43
C PHE A 555 -4.87 8.07 -6.66
N PRO A 556 -4.20 7.77 -7.79
CA PRO A 556 -2.91 8.40 -8.09
C PRO A 556 -2.83 9.92 -7.96
N ASN A 557 -3.91 10.63 -8.27
CA ASN A 557 -3.92 12.10 -8.28
C ASN A 557 -4.69 12.80 -7.14
N ARG A 558 -5.55 12.06 -6.44
CA ARG A 558 -6.42 12.66 -5.42
C ARG A 558 -6.70 11.70 -4.26
N LEU A 559 -7.09 12.29 -3.13
CA LEU A 559 -7.58 11.57 -1.97
C LEU A 559 -9.07 11.87 -1.84
N GLU A 560 -9.90 11.03 -2.46
CA GLU A 560 -11.36 11.15 -2.34
C GLU A 560 -11.80 10.68 -0.95
N TRP A 561 -12.93 11.19 -0.48
CA TRP A 561 -13.57 10.63 0.71
C TRP A 561 -15.09 10.73 0.70
N ARG A 562 -15.74 9.64 1.13
CA ARG A 562 -17.18 9.56 1.22
C ARG A 562 -17.64 9.32 2.64
N GLY A 563 -18.91 9.67 2.87
CA GLY A 563 -19.60 9.32 4.10
C GLY A 563 -20.54 8.14 3.86
N GLU A 564 -21.54 8.05 4.75
CA GLU A 564 -22.46 6.90 4.80
C GLU A 564 -23.31 6.71 3.54
N GLY A 565 -23.11 5.60 2.82
CA GLY A 565 -23.97 5.19 1.70
C GLY A 565 -24.13 6.17 0.53
N GLU A 566 -23.04 6.34 -0.24
CA GLU A 566 -23.00 7.26 -1.40
C GLU A 566 -21.72 7.03 -2.19
N ALA A 567 -21.60 7.70 -3.33
CA ALA A 567 -20.28 7.87 -3.97
C ALA A 567 -19.62 9.12 -3.33
N PRO A 568 -18.29 9.26 -3.49
CA PRO A 568 -17.58 10.35 -2.80
C PRO A 568 -17.92 11.78 -3.30
N GLN A 569 -18.09 12.71 -2.35
CA GLN A 569 -18.51 14.10 -2.61
C GLN A 569 -17.42 15.15 -2.31
N SER A 570 -16.28 14.72 -1.78
CA SER A 570 -15.25 15.64 -1.29
C SER A 570 -13.87 15.04 -1.57
N LEU A 571 -12.85 15.90 -1.67
CA LEU A 571 -11.49 15.44 -1.95
C LEU A 571 -10.41 16.48 -1.61
N LEU A 572 -9.16 16.04 -1.79
CA LEU A 572 -7.99 16.85 -1.66
C LEU A 572 -7.08 16.33 -2.75
N THR A 573 -6.38 17.23 -3.43
CA THR A 573 -5.50 16.82 -4.51
C THR A 573 -4.12 16.65 -3.98
N MET A 574 -3.42 15.70 -4.58
CA MET A 574 -2.00 15.56 -4.35
C MET A 574 -1.29 16.87 -4.61
N GLU A 575 -1.67 17.54 -5.72
CA GLU A 575 -1.08 18.81 -6.08
C GLU A 575 -1.02 19.81 -4.92
N GLU A 576 -2.15 19.99 -4.24
CA GLU A 576 -2.26 21.03 -3.20
C GLU A 576 -1.47 20.79 -1.92
N ILE A 577 -1.07 19.54 -1.63
CA ILE A 577 -0.36 19.21 -0.38
C ILE A 577 1.11 19.67 -0.42
N GLN A 578 1.54 20.38 0.61
CA GLN A 578 2.88 20.97 0.68
C GLN A 578 3.83 20.27 1.63
N SER A 579 3.30 19.72 2.71
CA SER A 579 4.07 18.89 3.63
C SER A 579 3.11 17.97 4.39
N VAL A 580 3.63 16.84 4.86
CA VAL A 580 2.85 15.88 5.64
C VAL A 580 3.69 15.60 6.86
N GLU A 581 3.36 16.24 7.98
CA GLU A 581 4.05 16.03 9.27
C GLU A 581 3.17 15.27 10.28
N GLU A 582 3.76 14.91 11.42
CA GLU A 582 2.99 14.52 12.58
C GLU A 582 2.93 15.68 13.59
N THR A 583 1.79 15.85 14.24
CA THR A 583 1.66 16.81 15.31
C THR A 583 0.91 16.14 16.44
N GLN A 584 1.17 16.63 17.65
CA GLN A 584 0.44 16.17 18.82
C GLN A 584 -0.61 17.19 19.15
N ILE A 585 -1.83 16.72 19.30
CA ILE A 585 -2.88 17.51 19.91
C ILE A 585 -3.32 16.65 21.08
N LYS A 586 -3.05 17.13 22.29
CA LYS A 586 -3.38 16.44 23.53
C LYS A 586 -2.73 15.04 23.46
N GLU A 587 -3.50 13.94 23.51
CA GLU A 587 -2.97 12.60 23.25
C GLU A 587 -3.60 11.99 21.96
N ARG A 588 -3.58 12.77 20.87
CA ARG A 588 -3.98 12.28 19.53
C ARG A 588 -2.76 12.42 18.62
N LYS A 589 -2.24 11.31 18.09
CA LYS A 589 -1.16 11.34 17.10
C LYS A 589 -1.82 11.60 15.76
N CYS A 590 -1.53 12.76 15.16
CA CYS A 590 -2.19 13.14 13.93
C CYS A 590 -1.20 13.30 12.82
N LEU A 591 -1.72 13.25 11.60
CA LEU A 591 -1.01 13.73 10.42
C LEU A 591 -1.42 15.18 10.20
N LEU A 592 -0.44 16.08 10.06
CA LEU A 592 -0.68 17.49 9.74
C LEU A 592 -0.26 17.75 8.30
N LEU A 593 -1.21 17.72 7.37
CA LEU A 593 -0.94 18.19 5.99
C LEU A 593 -1.06 19.71 6.02
N LYS A 594 0.05 20.43 5.82
CA LYS A 594 -0.06 21.88 5.51
C LYS A 594 -0.45 22.03 4.04
N ILE A 595 -1.60 22.66 3.80
CA ILE A 595 -2.15 22.82 2.45
C ILE A 595 -1.84 24.21 1.92
N ARG A 596 -1.67 24.32 0.60
CA ARG A 596 -1.52 25.63 -0.03
C ARG A 596 -2.64 26.56 0.46
N GLY A 597 -2.24 27.79 0.76
CA GLY A 597 -2.99 28.70 1.61
C GLY A 597 -2.20 28.90 2.90
N GLY A 598 -1.61 27.82 3.39
CA GLY A 598 -1.09 27.74 4.75
C GLY A 598 -2.13 27.21 5.71
N LYS A 599 -3.27 26.72 5.18
CA LYS A 599 -4.31 26.04 5.99
C LYS A 599 -3.81 24.67 6.42
N GLN A 600 -4.44 24.14 7.46
CA GLN A 600 -3.97 22.91 8.11
C GLN A 600 -5.04 21.85 8.09
N PHE A 601 -4.77 20.77 7.35
CA PHE A 601 -5.65 19.63 7.23
C PHE A 601 -5.02 18.51 8.08
N ILE A 602 -5.69 18.15 9.18
CA ILE A 602 -5.14 17.23 10.16
C ILE A 602 -5.95 15.94 10.10
N LEU A 603 -5.27 14.80 10.01
CA LEU A 603 -5.93 13.48 9.91
C LEU A 603 -5.51 12.52 11.04
N GLN A 604 -6.44 11.66 11.46
CA GLN A 604 -6.23 10.74 12.57
C GLN A 604 -6.62 9.36 12.09
N CYS A 605 -5.67 8.43 12.13
CA CYS A 605 -5.92 7.05 11.74
C CYS A 605 -6.32 6.19 12.94
N ASP A 606 -6.96 5.06 12.62
CA ASP A 606 -7.53 4.15 13.60
C ASP A 606 -6.50 3.25 14.26
N SER A 607 -5.35 3.11 13.62
CA SER A 607 -4.31 2.20 14.11
C SER A 607 -2.94 2.63 13.60
N ASP A 608 -1.92 2.26 14.34
CA ASP A 608 -0.56 2.57 13.97
C ASP A 608 -0.23 2.19 12.51
N PRO A 609 -0.51 0.94 12.08
CA PRO A 609 -0.12 0.56 10.71
C PRO A 609 -0.83 1.33 9.59
N GLU A 610 -2.08 1.72 9.81
CA GLU A 610 -2.78 2.62 8.90
C GLU A 610 -2.20 4.04 8.94
N LEU A 611 -1.71 4.53 10.09
CA LEU A 611 -1.01 5.83 10.15
C LEU A 611 0.29 5.76 9.39
N VAL A 612 0.99 4.64 9.48
CA VAL A 612 2.26 4.48 8.77
C VAL A 612 2.02 4.38 7.27
N GLN A 613 0.98 3.66 6.86
CA GLN A 613 0.69 3.43 5.45
C GLN A 613 0.09 4.68 4.79
N TRP A 614 -0.82 5.38 5.47
CA TRP A 614 -1.39 6.61 4.89
C TRP A 614 -0.31 7.70 4.78
N LYS A 615 0.51 7.89 5.82
CA LYS A 615 1.65 8.80 5.75
C LYS A 615 2.60 8.44 4.65
N LYS A 616 2.77 7.14 4.39
CA LYS A 616 3.70 6.69 3.34
C LYS A 616 3.05 6.85 2.00
N GLU A 617 1.85 6.31 1.83
CA GLU A 617 1.20 6.35 0.51
C GLU A 617 0.82 7.79 0.06
N LEU A 618 0.64 8.72 1.01
CA LEU A 618 0.28 10.12 0.70
C LEU A 618 1.51 10.88 0.27
N ARG A 619 2.57 10.75 1.03
CA ARG A 619 3.86 11.25 0.60
C ARG A 619 4.25 10.70 -0.76
N ASP A 620 4.16 9.38 -0.91
CA ASP A 620 4.52 8.71 -2.18
C ASP A 620 3.59 9.07 -3.31
N ALA A 621 2.34 9.40 -3.01
CA ALA A 621 1.40 9.78 -4.04
C ALA A 621 1.51 11.28 -4.39
N TYR A 622 1.77 12.13 -3.40
CA TYR A 622 1.81 13.57 -3.60
C TYR A 622 3.13 14.00 -4.26
N ARG A 623 4.24 13.35 -3.90
CA ARG A 623 5.51 13.57 -4.61
C ARG A 623 5.42 13.01 -6.02
N GLU A 624 5.01 11.73 -6.15
CA GLU A 624 4.83 11.12 -7.49
C GLU A 624 3.88 11.94 -8.40
N ALA A 625 2.86 12.55 -7.81
CA ALA A 625 1.89 13.35 -8.56
C ALA A 625 2.49 14.69 -9.00
N GLN A 626 3.15 15.38 -8.08
CA GLN A 626 3.76 16.68 -8.35
C GLN A 626 4.92 16.56 -9.34
N GLN A 627 5.62 15.43 -9.31
CA GLN A 627 6.66 15.15 -10.30
C GLN A 627 6.09 14.94 -11.72
N LEU A 628 4.95 14.27 -11.78
CA LEU A 628 4.29 13.89 -13.04
C LEU A 628 3.50 15.06 -13.61
N VAL A 629 2.75 15.74 -12.74
CA VAL A 629 1.99 16.95 -13.10
C VAL A 629 2.90 18.00 -13.74
N GLN A 630 4.11 18.17 -13.21
CA GLN A 630 5.15 19.00 -13.82
C GLN A 630 5.48 18.62 -15.28
N ARG A 631 5.51 17.31 -15.58
CA ARG A 631 5.76 16.82 -16.96
C ARG A 631 4.59 16.90 -17.96
N VAL A 632 3.46 17.47 -17.58
CA VAL A 632 2.27 17.50 -18.45
C VAL A 632 1.90 18.97 -18.63
N PRO A 633 2.02 19.49 -19.86
CA PRO A 633 1.69 20.90 -20.07
C PRO A 633 0.27 21.26 -19.65
N LYS A 634 -0.71 20.47 -20.07
CA LYS A 634 -2.12 20.74 -19.72
C LYS A 634 -2.40 20.84 -18.20
N MET A 635 -1.66 20.08 -17.39
CA MET A 635 -1.91 20.02 -15.93
C MET A 635 -1.07 20.98 -15.08
N LYS A 636 0.15 21.32 -15.49
CA LYS A 636 1.05 22.16 -14.66
C LYS A 636 0.61 23.63 -14.61
N ASN A 637 1.16 24.35 -13.62
CA ASN A 637 1.07 25.83 -13.56
C ASN A 637 2.44 26.51 -13.67
N LYS A 638 2.42 27.78 -14.05
CA LYS A 638 3.61 28.50 -14.52
C LYS A 638 3.55 30.00 -14.24
N SER B 1 28.12 16.50 -48.81
CA SER B 1 27.64 15.24 -48.14
C SER B 1 26.17 14.96 -48.48
N GLU B 2 25.61 13.92 -47.87
CA GLU B 2 24.18 13.56 -48.03
C GLU B 2 23.25 14.24 -47.00
N LEU B 3 23.75 14.48 -45.79
CA LEU B 3 22.97 15.16 -44.72
C LEU B 3 22.74 16.64 -45.03
N ASP B 4 23.81 17.35 -45.34
CA ASP B 4 23.76 18.80 -45.52
C ASP B 4 22.96 19.21 -46.75
N GLN B 5 23.00 18.38 -47.81
CA GLN B 5 22.17 18.56 -49.02
C GLN B 5 20.68 18.47 -48.72
N LEU B 6 20.28 17.41 -47.99
CA LEU B 6 18.88 17.16 -47.64
C LEU B 6 18.37 17.94 -46.41
N ARG B 7 19.23 18.73 -45.77
CA ARG B 7 18.83 19.70 -44.73
C ARG B 7 18.73 21.15 -45.27
N GLN B 8 19.55 21.49 -46.28
CA GLN B 8 19.45 22.76 -47.01
C GLN B 8 18.40 22.72 -48.11
N GLU B 9 18.27 21.59 -48.80
CA GLU B 9 17.14 21.34 -49.73
C GLU B 9 15.77 21.46 -49.02
N ALA B 10 15.75 21.25 -47.70
CA ALA B 10 14.56 21.52 -46.87
C ALA B 10 14.29 23.02 -46.70
N GLU B 11 15.35 23.81 -46.46
CA GLU B 11 15.22 25.29 -46.38
C GLU B 11 14.84 25.91 -47.72
N GLN B 12 15.45 25.42 -48.79
CA GLN B 12 15.08 25.76 -50.18
C GLN B 12 13.59 25.52 -50.42
N LEU B 13 13.05 24.42 -49.90
CA LEU B 13 11.61 24.14 -49.97
C LEU B 13 10.82 25.05 -49.02
N LYS B 14 11.24 25.13 -47.75
CA LYS B 14 10.60 25.99 -46.72
C LYS B 14 10.55 27.46 -47.10
N ASN B 15 11.58 27.91 -47.81
CA ASN B 15 11.60 29.25 -48.44
C ASN B 15 10.58 29.32 -49.57
N GLN B 16 10.66 28.39 -50.52
CA GLN B 16 9.67 28.30 -51.63
C GLN B 16 8.23 28.28 -51.10
N ILE B 17 8.05 27.69 -49.92
CA ILE B 17 6.80 27.77 -49.17
C ILE B 17 6.60 29.19 -48.62
N ARG B 18 7.57 29.69 -47.84
CA ARG B 18 7.47 31.01 -47.22
C ARG B 18 7.32 32.16 -48.22
N ASP B 19 7.86 32.00 -49.44
CA ASP B 19 7.65 32.98 -50.51
C ASP B 19 6.21 32.94 -51.03
N ALA B 20 5.71 31.74 -51.35
CA ALA B 20 4.32 31.56 -51.78
C ALA B 20 3.29 31.96 -50.72
N ARG B 21 3.70 31.90 -49.45
CA ARG B 21 2.93 32.42 -48.31
C ARG B 21 2.82 33.93 -48.35
N LYS B 22 3.97 34.60 -48.49
CA LYS B 22 4.03 36.06 -48.55
C LYS B 22 3.46 36.59 -49.86
N ALA B 23 3.54 35.81 -50.94
CA ALA B 23 2.97 36.21 -52.23
C ALA B 23 1.48 36.43 -52.07
N CYS B 24 0.86 35.56 -51.29
CA CYS B 24 -0.56 35.63 -51.05
C CYS B 24 -0.95 36.68 -50.00
N ALA B 25 0.00 37.20 -49.22
CA ALA B 25 -0.32 38.19 -48.13
C ALA B 25 -0.53 39.63 -48.61
N ASP B 26 -1.62 39.83 -49.36
CA ASP B 26 -1.90 41.13 -49.97
C ASP B 26 -2.39 42.13 -48.94
N ALA B 27 -3.42 41.75 -48.18
CA ALA B 27 -3.89 42.49 -47.01
C ALA B 27 -4.03 41.61 -45.76
N THR B 28 -4.20 42.29 -44.63
CA THR B 28 -4.44 41.70 -43.33
C THR B 28 -5.94 41.46 -43.21
N LEU B 29 -6.38 40.45 -42.44
CA LEU B 29 -7.80 40.26 -42.17
C LEU B 29 -8.29 41.53 -41.47
N SER B 30 -7.44 42.10 -40.62
CA SER B 30 -7.76 43.31 -39.83
C SER B 30 -8.14 44.51 -40.67
N GLN B 31 -7.39 44.68 -41.77
CA GLN B 31 -7.72 45.64 -42.80
C GLN B 31 -9.03 45.23 -43.45
N ILE B 32 -9.11 43.98 -43.97
CA ILE B 32 -10.29 43.52 -44.77
C ILE B 32 -11.60 43.72 -44.00
N THR B 33 -11.51 43.74 -42.67
CA THR B 33 -12.66 43.87 -41.79
C THR B 33 -12.70 45.19 -41.01
N ASN B 34 -11.75 46.11 -41.29
CA ASN B 34 -11.59 47.36 -40.51
C ASN B 34 -12.87 48.18 -40.50
N ASN B 35 -13.63 48.01 -41.57
CA ASN B 35 -14.80 48.80 -41.80
C ASN B 35 -16.05 48.16 -41.22
N ILE B 36 -16.19 46.83 -41.28
CA ILE B 36 -17.45 46.19 -40.80
C ILE B 36 -17.71 46.48 -39.34
N ASP B 37 -19.00 46.43 -38.99
CA ASP B 37 -19.49 46.94 -37.71
C ASP B 37 -18.97 46.12 -36.56
N PRO B 38 -18.64 46.78 -35.44
CA PRO B 38 -18.32 46.05 -34.21
C PRO B 38 -19.48 45.15 -33.79
N VAL B 39 -19.13 43.94 -33.33
CA VAL B 39 -20.09 43.02 -32.68
C VAL B 39 -20.88 43.64 -31.52
N GLY B 40 -20.28 44.67 -30.90
CA GLY B 40 -20.92 45.46 -29.84
C GLY B 40 -20.18 45.18 -28.56
N ARG B 41 -20.91 45.23 -27.44
CA ARG B 41 -20.40 44.77 -26.17
C ARG B 41 -21.16 43.50 -25.82
N ILE B 42 -20.59 42.35 -26.23
CA ILE B 42 -21.18 41.03 -25.94
C ILE B 42 -20.99 40.75 -24.46
N GLN B 43 -22.07 40.88 -23.70
CA GLN B 43 -22.13 40.44 -22.32
C GLN B 43 -23.01 39.20 -22.30
N MET B 44 -22.36 38.05 -22.10
CA MET B 44 -23.06 36.81 -21.78
C MET B 44 -23.19 36.72 -20.25
N ARG B 45 -24.30 36.15 -19.79
CA ARG B 45 -24.48 35.85 -18.38
C ARG B 45 -24.34 34.35 -18.19
N THR B 46 -23.74 33.94 -17.08
CA THR B 46 -23.81 32.57 -16.59
C THR B 46 -25.28 32.09 -16.50
N ARG B 47 -25.62 31.03 -17.24
CA ARG B 47 -27.00 30.46 -17.28
C ARG B 47 -27.15 29.15 -16.52
N ARG B 48 -26.15 28.26 -16.65
CA ARG B 48 -26.07 26.99 -15.91
C ARG B 48 -24.74 26.93 -15.17
N THR B 49 -24.74 26.84 -13.84
CA THR B 49 -23.54 26.49 -13.11
C THR B 49 -23.66 25.00 -12.81
N LEU B 50 -22.92 24.19 -13.58
CA LEU B 50 -23.00 22.73 -13.49
C LEU B 50 -22.00 22.15 -12.48
N ARG B 51 -22.45 21.99 -11.25
CA ARG B 51 -21.63 21.42 -10.18
C ARG B 51 -21.74 19.90 -10.24
N GLY B 52 -20.76 19.17 -9.71
CA GLY B 52 -20.75 17.72 -9.79
C GLY B 52 -19.35 17.13 -9.76
N HIS B 53 -18.54 17.47 -10.75
CA HIS B 53 -17.11 17.18 -10.71
C HIS B 53 -16.48 17.81 -9.45
N LEU B 54 -15.54 17.10 -8.84
CA LEU B 54 -15.02 17.40 -7.49
C LEU B 54 -13.62 18.04 -7.44
N ALA B 55 -12.94 18.10 -8.57
CA ALA B 55 -11.72 18.87 -8.68
C ALA B 55 -11.64 19.42 -10.10
N LYS B 56 -10.43 19.72 -10.58
CA LYS B 56 -10.28 20.40 -11.87
C LYS B 56 -10.95 19.65 -13.05
N ILE B 57 -11.67 20.42 -13.87
CA ILE B 57 -12.17 19.96 -15.16
C ILE B 57 -11.06 20.24 -16.16
N TYR B 58 -10.87 19.31 -17.12
CA TYR B 58 -9.82 19.38 -18.15
C TYR B 58 -10.31 19.41 -19.63
N ALA B 59 -11.42 18.70 -19.91
CA ALA B 59 -12.02 18.64 -21.26
C ALA B 59 -13.54 18.48 -21.21
N MET B 60 -14.21 18.88 -22.29
CA MET B 60 -15.63 18.55 -22.53
C MET B 60 -15.95 18.56 -24.02
N HIS B 61 -17.10 18.03 -24.39
CA HIS B 61 -17.54 17.88 -25.79
C HIS B 61 -19.08 17.73 -25.89
N TRP B 62 -19.69 18.26 -26.93
CA TRP B 62 -21.15 18.19 -27.18
C TRP B 62 -21.56 17.04 -28.13
N GLY B 63 -22.72 16.43 -27.88
CA GLY B 63 -23.29 15.43 -28.81
C GLY B 63 -23.95 16.09 -30.03
N THR B 64 -24.30 15.32 -31.06
CA THR B 64 -24.90 15.89 -32.29
C THR B 64 -26.35 16.35 -32.14
N ASP B 65 -27.00 15.92 -31.08
CA ASP B 65 -28.34 16.41 -30.72
C ASP B 65 -28.32 17.77 -30.00
N SER B 66 -27.13 18.33 -29.77
CA SER B 66 -26.98 19.74 -29.35
C SER B 66 -27.49 20.00 -27.92
N ARG B 67 -27.33 18.99 -27.06
CA ARG B 67 -28.02 18.93 -25.76
C ARG B 67 -27.28 18.10 -24.72
N LEU B 68 -26.95 16.86 -25.13
CA LEU B 68 -26.14 15.95 -24.34
C LEU B 68 -24.67 16.32 -24.50
N LEU B 69 -23.97 16.58 -23.40
CA LEU B 69 -22.51 16.83 -23.45
C LEU B 69 -21.74 15.90 -22.50
N VAL B 70 -20.59 15.40 -22.96
CA VAL B 70 -19.68 14.58 -22.14
C VAL B 70 -18.54 15.47 -21.63
N SER B 71 -18.09 15.26 -20.39
CA SER B 71 -16.98 16.01 -19.80
C SER B 71 -16.09 15.10 -18.97
N ALA B 72 -14.83 15.52 -18.80
CA ALA B 72 -13.73 14.72 -18.25
C ALA B 72 -13.02 15.52 -17.17
N SER B 73 -12.73 14.87 -16.02
CA SER B 73 -12.18 15.57 -14.85
C SER B 73 -11.01 14.90 -14.15
N GLN B 74 -10.31 15.73 -13.36
CA GLN B 74 -9.23 15.34 -12.44
C GLN B 74 -9.79 14.27 -11.50
N ASP B 75 -11.09 14.35 -11.21
CA ASP B 75 -11.79 13.33 -10.41
C ASP B 75 -12.05 11.94 -11.06
N GLY B 76 -11.62 11.74 -12.30
CA GLY B 76 -11.52 10.40 -12.90
C GLY B 76 -12.79 9.86 -13.54
N LYS B 77 -13.66 10.75 -14.03
CA LYS B 77 -14.94 10.36 -14.58
C LYS B 77 -15.27 11.01 -15.91
N LEU B 78 -16.16 10.39 -16.67
CA LEU B 78 -16.95 11.07 -17.69
C LEU B 78 -18.34 11.26 -17.14
N ILE B 79 -18.88 12.48 -17.25
CA ILE B 79 -20.29 12.72 -16.96
C ILE B 79 -20.93 13.16 -18.27
N ILE B 80 -21.80 12.32 -18.81
CA ILE B 80 -22.64 12.69 -19.96
C ILE B 80 -23.79 13.49 -19.35
N TRP B 81 -23.73 14.82 -19.50
CA TRP B 81 -24.77 15.69 -18.95
C TRP B 81 -25.87 15.86 -20.00
N ASP B 82 -27.02 16.32 -19.51
CA ASP B 82 -28.08 16.89 -20.31
C ASP B 82 -28.09 18.35 -19.87
N SER B 83 -27.59 19.22 -20.74
CA SER B 83 -27.38 20.64 -20.43
C SER B 83 -28.66 21.40 -20.10
N TYR B 84 -29.77 20.95 -20.68
CA TYR B 84 -31.08 21.58 -20.45
C TYR B 84 -31.52 21.40 -18.98
N THR B 85 -31.56 20.15 -18.51
CA THR B 85 -31.94 19.85 -17.12
C THR B 85 -30.84 20.09 -16.04
N THR B 86 -29.59 20.35 -16.46
CA THR B 86 -28.42 20.27 -15.59
C THR B 86 -28.16 18.86 -15.04
N ASN B 87 -28.80 17.85 -15.63
CA ASN B 87 -28.78 16.49 -15.08
C ASN B 87 -27.89 15.51 -15.86
N LYS B 88 -27.47 14.45 -15.17
CA LYS B 88 -26.51 13.48 -15.67
C LYS B 88 -27.25 12.32 -16.29
N VAL B 89 -26.95 11.99 -17.54
CA VAL B 89 -27.55 10.84 -18.24
C VAL B 89 -26.73 9.59 -18.00
N HIS B 90 -25.41 9.75 -17.93
CA HIS B 90 -24.49 8.70 -17.54
C HIS B 90 -23.35 9.33 -16.72
N ALA B 91 -22.96 8.64 -15.65
CA ALA B 91 -21.66 8.83 -15.02
C ALA B 91 -20.92 7.53 -15.31
N ILE B 92 -19.75 7.64 -15.93
CA ILE B 92 -18.99 6.49 -16.38
C ILE B 92 -17.70 6.59 -15.60
N PRO B 93 -17.61 5.87 -14.46
CA PRO B 93 -16.29 5.80 -13.85
C PRO B 93 -15.30 5.09 -14.78
N LEU B 94 -14.06 5.53 -14.71
CA LEU B 94 -13.08 5.19 -15.70
C LEU B 94 -12.02 4.29 -15.14
N ARG B 95 -11.42 3.51 -16.04
CA ARG B 95 -10.33 2.60 -15.71
C ARG B 95 -9.04 3.35 -15.34
N SER B 96 -8.88 4.59 -15.82
CA SER B 96 -7.71 5.42 -15.50
C SER B 96 -8.02 6.82 -14.97
N SER B 97 -7.39 7.19 -13.87
CA SER B 97 -7.65 8.48 -13.19
C SER B 97 -7.10 9.72 -13.89
N TRP B 98 -6.18 9.54 -14.83
CA TRP B 98 -5.44 10.64 -15.41
C TRP B 98 -6.09 11.16 -16.70
N VAL B 99 -7.41 11.30 -16.69
CA VAL B 99 -8.14 11.56 -17.92
C VAL B 99 -7.90 13.03 -18.27
N MET B 100 -7.75 13.26 -19.57
CA MET B 100 -7.44 14.57 -20.12
C MET B 100 -8.39 14.99 -21.23
N THR B 101 -8.85 14.04 -22.04
CA THR B 101 -9.71 14.31 -23.18
C THR B 101 -10.93 13.41 -23.16
N CYS B 102 -11.92 13.75 -23.96
CA CYS B 102 -13.11 12.92 -24.15
C CYS B 102 -13.85 13.30 -25.41
N ALA B 103 -14.67 12.38 -25.92
CA ALA B 103 -15.40 12.57 -27.18
C ALA B 103 -16.79 11.96 -27.18
N TYR B 104 -17.51 12.16 -28.28
CA TYR B 104 -18.91 11.78 -28.40
C TYR B 104 -19.14 11.42 -29.85
N ALA B 105 -19.69 10.24 -30.12
CA ALA B 105 -19.90 9.78 -31.49
C ALA B 105 -21.07 10.48 -32.11
N PRO B 106 -21.01 10.67 -33.45
CA PRO B 106 -22.10 11.42 -34.05
C PRO B 106 -23.45 10.70 -33.90
N SER B 107 -23.46 9.37 -33.93
CA SER B 107 -24.73 8.58 -33.81
C SER B 107 -25.51 8.69 -32.47
N GLY B 108 -24.88 9.26 -31.43
CA GLY B 108 -25.40 9.25 -30.07
C GLY B 108 -25.12 7.94 -29.35
N ASN B 109 -24.59 6.94 -30.07
CA ASN B 109 -24.43 5.57 -29.56
C ASN B 109 -23.20 5.52 -28.68
N TYR B 110 -22.04 5.73 -29.29
CA TYR B 110 -20.75 5.53 -28.64
C TYR B 110 -20.18 6.86 -28.09
N VAL B 111 -19.34 6.76 -27.07
CA VAL B 111 -18.43 7.86 -26.68
C VAL B 111 -17.03 7.29 -26.61
N ALA B 112 -16.04 8.16 -26.60
CA ALA B 112 -14.68 7.72 -26.34
C ALA B 112 -13.89 8.70 -25.48
N CYS B 113 -12.79 8.21 -24.90
CA CYS B 113 -11.91 9.07 -24.08
C CYS B 113 -10.55 8.46 -23.86
N GLY B 114 -9.67 9.25 -23.24
CA GLY B 114 -8.36 8.77 -22.79
C GLY B 114 -7.56 9.86 -22.08
N GLY B 115 -6.30 9.55 -21.80
CA GLY B 115 -5.43 10.44 -21.04
C GLY B 115 -4.03 9.86 -20.96
N LEU B 116 -3.39 10.01 -19.82
CA LEU B 116 -2.08 9.38 -19.57
C LEU B 116 -2.11 7.84 -19.69
N ASP B 117 -3.29 7.23 -19.81
CA ASP B 117 -3.38 5.80 -20.09
C ASP B 117 -2.90 5.35 -21.47
N ASN B 118 -2.71 6.29 -22.41
CA ASN B 118 -2.26 5.98 -23.80
C ASN B 118 -3.23 5.08 -24.61
N ILE B 119 -4.50 5.13 -24.24
CA ILE B 119 -5.56 4.29 -24.80
C ILE B 119 -6.72 5.21 -25.15
N CYS B 120 -7.37 4.91 -26.27
CA CYS B 120 -8.66 5.49 -26.58
C CYS B 120 -9.63 4.39 -26.43
N SER B 121 -10.65 4.61 -25.61
CA SER B 121 -11.57 3.54 -25.21
C SER B 121 -12.93 3.93 -25.75
N ILE B 122 -13.63 2.97 -26.36
CA ILE B 122 -14.98 3.15 -26.90
C ILE B 122 -16.00 2.60 -25.94
N TYR B 123 -17.05 3.37 -25.68
CA TYR B 123 -18.16 2.92 -24.84
C TYR B 123 -19.47 2.89 -25.64
N ASN B 124 -20.08 1.72 -25.71
CA ASN B 124 -21.40 1.48 -26.32
C ASN B 124 -22.49 1.79 -25.31
N LEU B 125 -23.47 2.60 -25.70
CA LEU B 125 -24.63 2.94 -24.84
C LEU B 125 -25.94 2.30 -25.35
N LYS B 126 -25.83 1.35 -26.27
CA LYS B 126 -26.95 0.59 -26.81
C LYS B 126 -26.69 -0.89 -26.61
N THR B 127 -26.58 -1.31 -25.35
CA THR B 127 -26.54 -2.72 -24.98
C THR B 127 -27.96 -3.26 -24.85
N ARG B 128 -28.09 -4.58 -24.93
CA ARG B 128 -29.36 -5.23 -24.58
C ARG B 128 -29.74 -5.02 -23.11
N GLU B 129 -28.72 -4.95 -22.25
CA GLU B 129 -28.90 -4.81 -20.78
C GLU B 129 -29.65 -3.54 -20.37
N GLY B 130 -29.43 -2.46 -21.11
CA GLY B 130 -29.94 -1.14 -20.77
C GLY B 130 -28.97 -0.39 -19.87
N ASN B 131 -27.69 -0.39 -20.25
CA ASN B 131 -26.63 0.34 -19.54
C ASN B 131 -25.41 0.56 -20.47
N VAL B 132 -24.26 0.98 -19.91
CA VAL B 132 -23.06 1.29 -20.70
C VAL B 132 -22.01 0.18 -20.57
N ARG B 133 -21.42 -0.22 -21.71
CA ARG B 133 -20.36 -1.25 -21.77
C ARG B 133 -19.18 -0.68 -22.55
N VAL B 134 -18.04 -1.39 -22.52
CA VAL B 134 -16.88 -1.08 -23.34
C VAL B 134 -16.78 -2.05 -24.52
N SER B 135 -17.14 -1.57 -25.71
CA SER B 135 -17.12 -2.37 -26.94
C SER B 135 -15.71 -2.65 -27.45
N ARG B 136 -14.83 -1.64 -27.38
CA ARG B 136 -13.44 -1.77 -27.85
C ARG B 136 -12.50 -0.88 -27.03
N GLU B 137 -11.27 -1.36 -26.84
CA GLU B 137 -10.23 -0.59 -26.20
C GLU B 137 -9.12 -0.43 -27.20
N LEU B 138 -9.12 0.70 -27.90
CA LEU B 138 -8.25 0.91 -29.05
C LEU B 138 -6.85 1.26 -28.60
N ALA B 139 -5.93 0.30 -28.74
CA ALA B 139 -4.56 0.44 -28.27
C ALA B 139 -3.55 0.35 -29.42
N GLY B 140 -2.42 1.03 -29.24
CA GLY B 140 -1.45 1.24 -30.33
C GLY B 140 -0.55 2.45 -30.16
N HIS B 141 -1.06 3.52 -29.54
CA HIS B 141 -0.24 4.69 -29.20
C HIS B 141 0.82 4.42 -28.12
N THR B 142 1.73 5.39 -27.96
CA THR B 142 2.86 5.30 -27.04
C THR B 142 3.09 6.57 -26.20
N GLY B 143 2.05 7.39 -26.04
CA GLY B 143 2.17 8.63 -25.26
C GLY B 143 0.77 9.09 -24.87
N TYR B 144 0.68 10.10 -24.02
CA TYR B 144 -0.62 10.48 -23.45
C TYR B 144 -1.63 10.89 -24.52
N LEU B 145 -2.78 10.23 -24.55
CA LEU B 145 -3.88 10.66 -25.42
C LEU B 145 -4.35 12.03 -24.95
N SER B 146 -4.28 13.01 -25.85
CA SER B 146 -4.70 14.40 -25.57
C SER B 146 -5.91 14.84 -26.34
N CYS B 147 -6.33 14.11 -27.40
CA CYS B 147 -7.65 14.31 -28.05
C CYS B 147 -8.12 13.07 -28.88
N CYS B 148 -9.43 12.99 -29.16
CA CYS B 148 -10.03 11.90 -30.00
C CYS B 148 -11.40 12.28 -30.63
N ARG B 149 -11.75 11.73 -31.81
CA ARG B 149 -13.04 12.04 -32.50
C ARG B 149 -13.55 10.97 -33.49
N PHE B 150 -14.75 10.44 -33.22
CA PHE B 150 -15.44 9.47 -34.11
C PHE B 150 -15.76 10.10 -35.46
N LEU B 151 -15.55 9.38 -36.56
CA LEU B 151 -16.13 9.79 -37.84
C LEU B 151 -17.45 9.07 -38.12
N ASP B 152 -17.48 7.76 -37.98
CA ASP B 152 -18.74 6.99 -37.92
C ASP B 152 -18.61 5.92 -36.80
N ASP B 153 -19.64 5.10 -36.59
CA ASP B 153 -19.57 4.06 -35.54
C ASP B 153 -18.66 2.88 -35.83
N ASN B 154 -18.14 2.78 -37.06
CA ASN B 154 -17.12 1.81 -37.41
C ASN B 154 -15.69 2.37 -37.26
N GLN B 155 -15.51 3.70 -37.27
CA GLN B 155 -14.17 4.32 -37.34
C GLN B 155 -13.96 5.65 -36.55
N ILE B 156 -12.73 5.88 -36.08
CA ILE B 156 -12.38 6.99 -35.14
C ILE B 156 -10.91 7.51 -35.33
N VAL B 157 -10.66 8.77 -34.93
CA VAL B 157 -9.36 9.44 -35.06
C VAL B 157 -8.81 9.93 -33.72
N THR B 158 -7.49 9.78 -33.48
CA THR B 158 -6.88 10.11 -32.17
C THR B 158 -5.54 10.84 -32.25
N SER B 159 -5.30 11.76 -31.30
CA SER B 159 -4.02 12.48 -31.11
C SER B 159 -3.37 12.27 -29.73
N SER B 160 -2.03 12.30 -29.67
CA SER B 160 -1.32 12.00 -28.44
C SER B 160 0.02 12.72 -28.20
N GLY B 161 0.51 12.56 -26.97
CA GLY B 161 1.77 13.12 -26.53
C GLY B 161 2.98 12.47 -27.17
N ASP B 162 2.79 11.32 -27.79
CA ASP B 162 3.87 10.67 -28.54
C ASP B 162 4.20 11.37 -29.87
N THR B 163 3.45 12.42 -30.21
CA THR B 163 3.62 13.20 -31.44
C THR B 163 3.02 12.51 -32.68
N THR B 164 1.92 11.77 -32.52
CA THR B 164 1.21 11.13 -33.64
C THR B 164 -0.33 11.20 -33.55
N CYS B 165 -0.98 10.85 -34.66
CA CYS B 165 -2.44 10.73 -34.74
C CYS B 165 -2.76 9.46 -35.55
N ALA B 166 -4.01 9.00 -35.54
CA ALA B 166 -4.36 7.70 -36.19
C ALA B 166 -5.85 7.44 -36.41
N LEU B 167 -6.17 6.62 -37.43
CA LEU B 167 -7.54 6.16 -37.74
C LEU B 167 -7.70 4.68 -37.48
N TRP B 168 -8.81 4.31 -36.85
CA TRP B 168 -9.03 2.94 -36.34
C TRP B 168 -10.23 2.30 -37.02
N ASP B 169 -10.12 1.01 -37.36
CA ASP B 169 -11.29 0.18 -37.67
C ASP B 169 -11.74 -0.39 -36.31
N ILE B 170 -12.95 -0.05 -35.88
CA ILE B 170 -13.46 -0.45 -34.57
C ILE B 170 -13.91 -1.93 -34.60
N GLU B 171 -14.47 -2.38 -35.73
CA GLU B 171 -14.92 -3.78 -35.91
C GLU B 171 -13.78 -4.78 -35.63
N THR B 172 -12.68 -4.66 -36.37
CA THR B 172 -11.49 -5.51 -36.15
C THR B 172 -10.62 -5.00 -35.00
N GLY B 173 -10.68 -3.69 -34.75
CA GLY B 173 -10.00 -3.07 -33.61
C GLY B 173 -8.55 -2.70 -33.84
N GLN B 174 -8.20 -2.40 -35.09
CA GLN B 174 -6.81 -2.11 -35.46
C GLN B 174 -6.72 -0.76 -36.15
N GLN B 175 -5.52 -0.17 -36.13
CA GLN B 175 -5.28 1.09 -36.84
C GLN B 175 -5.32 0.84 -38.35
N THR B 176 -6.35 1.34 -39.03
CA THR B 176 -6.41 1.29 -40.49
C THR B 176 -5.30 2.16 -41.12
N THR B 177 -4.92 3.25 -40.45
CA THR B 177 -4.03 4.29 -41.00
C THR B 177 -3.39 5.09 -39.87
N THR B 178 -2.15 5.57 -40.09
CA THR B 178 -1.36 6.30 -39.07
C THR B 178 -0.74 7.60 -39.62
N PHE B 179 -0.65 8.62 -38.76
CA PHE B 179 -0.35 10.00 -39.19
C PHE B 179 0.82 10.66 -38.42
N THR B 180 2.02 10.65 -39.03
CA THR B 180 3.23 11.19 -38.39
C THR B 180 3.77 12.45 -39.07
N GLY B 181 4.41 13.30 -38.27
CA GLY B 181 4.91 14.59 -38.72
C GLY B 181 5.38 15.48 -37.58
N HIS B 182 4.53 15.62 -36.55
CA HIS B 182 4.80 16.51 -35.40
C HIS B 182 6.06 16.13 -34.62
N THR B 183 6.64 17.12 -33.93
CA THR B 183 7.91 17.00 -33.15
C THR B 183 7.91 17.40 -31.65
N GLY B 184 6.81 17.92 -31.15
CA GLY B 184 6.57 18.09 -29.72
C GLY B 184 5.18 17.56 -29.45
N ASP B 185 4.78 17.52 -28.18
CA ASP B 185 3.54 16.81 -27.79
C ASP B 185 2.30 17.41 -28.48
N VAL B 186 1.50 16.57 -29.13
CA VAL B 186 0.22 16.98 -29.74
C VAL B 186 -0.81 17.21 -28.63
N MET B 187 -1.53 18.34 -28.68
CA MET B 187 -2.46 18.73 -27.62
C MET B 187 -3.93 18.67 -28.03
N SER B 188 -4.23 18.92 -29.29
CA SER B 188 -5.64 19.02 -29.71
C SER B 188 -5.79 18.57 -31.16
N LEU B 189 -6.99 18.16 -31.55
CA LEU B 189 -7.28 17.84 -32.95
C LEU B 189 -8.72 18.18 -33.28
N SER B 190 -8.95 18.47 -34.57
CA SER B 190 -10.27 18.88 -35.09
C SER B 190 -10.56 18.18 -36.43
N LEU B 191 -11.75 17.61 -36.59
CA LEU B 191 -12.19 16.97 -37.83
C LEU B 191 -12.84 18.00 -38.71
N ALA B 192 -13.00 17.65 -39.98
CA ALA B 192 -13.73 18.48 -40.94
C ALA B 192 -15.19 18.12 -40.92
N PRO B 193 -16.04 18.98 -41.52
CA PRO B 193 -17.44 18.58 -41.66
C PRO B 193 -17.68 17.39 -42.62
N ASP B 194 -16.92 17.30 -43.72
CA ASP B 194 -17.02 16.13 -44.61
C ASP B 194 -16.33 14.89 -44.04
N THR B 195 -15.41 15.10 -43.10
CA THR B 195 -14.67 14.04 -42.38
C THR B 195 -13.68 13.23 -43.25
N ARG B 196 -13.15 13.86 -44.31
CA ARG B 196 -12.01 13.32 -45.08
C ARG B 196 -10.70 13.97 -44.66
N LEU B 197 -10.77 15.08 -43.92
CA LEU B 197 -9.59 15.76 -43.39
C LEU B 197 -9.75 16.17 -41.92
N PHE B 198 -8.62 16.29 -41.23
CA PHE B 198 -8.61 16.80 -39.84
C PHE B 198 -7.29 17.53 -39.50
N VAL B 199 -7.24 18.22 -38.35
CA VAL B 199 -6.04 19.03 -37.94
C VAL B 199 -5.60 18.96 -36.46
N SER B 200 -4.28 19.01 -36.26
CA SER B 200 -3.61 18.86 -34.96
C SER B 200 -2.82 20.11 -34.54
N GLY B 201 -2.74 20.43 -33.25
CA GLY B 201 -1.96 21.56 -32.73
C GLY B 201 -1.13 21.12 -31.53
N ALA B 202 0.13 21.54 -31.43
CA ALA B 202 1.07 20.92 -30.51
C ALA B 202 2.01 21.90 -29.78
N CYS B 203 2.77 21.37 -28.83
CA CYS B 203 3.80 22.10 -28.08
C CYS B 203 5.02 22.46 -28.89
N ASP B 204 5.16 21.87 -30.08
CA ASP B 204 6.10 22.39 -31.09
C ASP B 204 5.81 23.84 -31.53
N ALA B 205 4.62 24.34 -31.20
CA ALA B 205 4.11 25.68 -31.57
C ALA B 205 3.59 25.77 -33.01
N SER B 206 3.17 24.62 -33.55
CA SER B 206 2.68 24.50 -34.91
C SER B 206 1.43 23.64 -34.97
N ALA B 207 0.73 23.71 -36.11
CA ALA B 207 -0.48 22.91 -36.36
C ALA B 207 -0.37 22.24 -37.73
N LYS B 208 -1.10 21.13 -37.95
CA LYS B 208 -0.98 20.32 -39.19
C LYS B 208 -2.31 19.73 -39.70
N LEU B 209 -2.32 19.21 -40.93
CA LEU B 209 -3.56 18.86 -41.70
C LEU B 209 -3.40 17.58 -42.54
N TRP B 210 -4.39 16.67 -42.50
CA TRP B 210 -4.23 15.29 -43.02
C TRP B 210 -5.41 14.80 -43.86
N ASP B 211 -5.14 14.04 -44.92
CA ASP B 211 -6.20 13.30 -45.61
C ASP B 211 -6.38 11.98 -44.90
N VAL B 212 -7.63 11.65 -44.57
CA VAL B 212 -7.96 10.45 -43.81
C VAL B 212 -7.56 9.17 -44.54
N ARG B 213 -7.93 9.11 -45.83
CA ARG B 213 -7.88 7.86 -46.62
C ARG B 213 -6.56 7.67 -47.36
N GLU B 214 -5.83 8.76 -47.63
CA GLU B 214 -4.52 8.66 -48.24
C GLU B 214 -3.56 8.16 -47.16
N GLY B 215 -3.49 8.92 -46.06
CA GLY B 215 -2.65 8.57 -44.90
C GLY B 215 -1.45 9.47 -44.59
N MET B 216 -1.43 10.67 -45.16
CA MET B 216 -0.26 11.55 -45.10
C MET B 216 -0.66 13.01 -44.91
N CYS B 217 0.29 13.79 -44.38
CA CYS B 217 0.05 15.20 -44.08
C CYS B 217 0.00 16.01 -45.37
N ARG B 218 -0.76 17.10 -45.36
CA ARG B 218 -0.80 18.01 -46.52
C ARG B 218 -0.12 19.34 -46.19
N GLN B 219 -0.46 19.95 -45.05
CA GLN B 219 -0.11 21.35 -44.76
C GLN B 219 0.24 21.56 -43.28
N THR B 220 1.26 22.40 -43.03
CA THR B 220 1.76 22.75 -41.67
C THR B 220 1.83 24.28 -41.40
N PHE B 221 1.44 24.71 -40.20
CA PHE B 221 1.23 26.14 -39.87
C PHE B 221 1.94 26.60 -38.57
N THR B 222 2.78 27.66 -38.61
CA THR B 222 3.49 28.23 -37.42
C THR B 222 3.21 29.73 -37.13
N GLY B 223 3.89 30.31 -36.13
CA GLY B 223 3.65 31.71 -35.67
C GLY B 223 3.75 31.97 -34.16
N HIS B 224 3.10 31.11 -33.36
CA HIS B 224 3.11 31.27 -31.89
C HIS B 224 4.52 31.13 -31.31
N GLU B 225 4.78 31.88 -30.23
CA GLU B 225 6.05 31.82 -29.42
C GLU B 225 6.12 30.65 -28.37
N SER B 226 5.06 29.86 -28.27
CA SER B 226 4.86 29.01 -27.12
C SER B 226 3.74 28.01 -27.44
N ASP B 227 3.56 27.04 -26.55
CA ASP B 227 2.73 25.83 -26.77
C ASP B 227 1.34 26.16 -27.32
N ILE B 228 0.86 25.39 -28.31
CA ILE B 228 -0.51 25.50 -28.77
C ILE B 228 -1.38 24.49 -28.02
N ASN B 229 -2.18 25.01 -27.09
CA ASN B 229 -3.02 24.17 -26.28
C ASN B 229 -4.33 23.75 -26.95
N ALA B 230 -4.79 24.45 -27.99
CA ALA B 230 -6.14 24.20 -28.52
C ALA B 230 -6.29 24.48 -30.00
N ILE B 231 -7.22 23.76 -30.66
CA ILE B 231 -7.48 23.87 -32.10
C ILE B 231 -8.94 23.59 -32.45
N CYS B 232 -9.51 24.30 -33.42
N CYS B 232 -9.49 24.26 -33.46
CA CYS B 232 -10.91 24.08 -33.83
CA CYS B 232 -10.88 24.01 -33.85
C CYS B 232 -11.15 24.53 -35.25
C CYS B 232 -11.16 24.51 -35.25
N PHE B 233 -11.88 23.71 -36.01
CA PHE B 233 -12.19 24.02 -37.41
C PHE B 233 -13.16 25.19 -37.53
N PHE B 234 -12.89 26.06 -38.50
CA PHE B 234 -13.88 27.02 -38.95
C PHE B 234 -15.03 26.23 -39.60
N PRO B 235 -16.28 26.61 -39.32
CA PRO B 235 -17.49 25.83 -39.70
C PRO B 235 -17.57 25.23 -41.11
N ASN B 236 -16.83 25.76 -42.08
CA ASN B 236 -16.95 25.37 -43.48
C ASN B 236 -15.89 24.39 -43.96
N GLY B 237 -15.01 23.97 -43.04
CA GLY B 237 -13.90 23.09 -43.35
C GLY B 237 -12.78 23.65 -44.22
N ASN B 238 -12.52 24.96 -44.12
CA ASN B 238 -11.43 25.59 -44.87
C ASN B 238 -10.56 26.61 -44.07
N ALA B 239 -10.62 26.58 -42.75
CA ALA B 239 -9.71 27.35 -41.87
C ALA B 239 -9.80 26.80 -40.43
N PHE B 240 -8.98 27.31 -39.50
CA PHE B 240 -9.04 26.89 -38.08
C PHE B 240 -8.34 27.85 -37.12
N ALA B 241 -8.73 27.83 -35.84
CA ALA B 241 -8.18 28.74 -34.81
C ALA B 241 -7.23 28.01 -33.87
N THR B 242 -6.52 28.76 -33.01
CA THR B 242 -5.58 28.22 -32.06
C THR B 242 -5.52 29.05 -30.76
N GLY B 243 -5.22 28.37 -29.64
CA GLY B 243 -4.97 29.04 -28.34
C GLY B 243 -3.56 28.71 -27.86
N SER B 244 -2.81 29.69 -27.34
CA SER B 244 -1.40 29.49 -27.00
C SER B 244 -0.91 30.08 -25.71
N ASP B 245 0.17 29.51 -25.22
CA ASP B 245 0.79 29.88 -23.94
C ASP B 245 1.42 31.28 -23.90
N ASP B 246 1.63 31.89 -25.06
CA ASP B 246 2.22 33.24 -25.17
C ASP B 246 1.25 34.41 -24.89
N ALA B 247 0.06 34.11 -24.37
CA ALA B 247 -0.98 35.12 -24.11
C ALA B 247 -1.79 35.58 -25.33
N THR B 248 -1.81 34.79 -26.40
CA THR B 248 -2.52 35.13 -27.66
C THR B 248 -3.28 33.95 -28.30
N CYS B 249 -4.39 34.23 -28.99
CA CYS B 249 -5.02 33.26 -29.93
C CYS B 249 -4.61 33.59 -31.38
N ARG B 250 -4.89 32.70 -32.33
CA ARG B 250 -4.59 32.92 -33.74
C ARG B 250 -5.44 32.12 -34.72
N LEU B 251 -5.80 32.74 -35.85
CA LEU B 251 -6.56 32.11 -36.96
C LEU B 251 -5.62 31.81 -38.15
N PHE B 252 -5.84 30.66 -38.81
CA PHE B 252 -5.05 30.18 -39.97
C PHE B 252 -5.98 29.71 -41.09
N ASP B 253 -5.55 29.81 -42.35
CA ASP B 253 -6.44 29.50 -43.49
C ASP B 253 -5.88 28.38 -44.37
N LEU B 254 -6.76 27.43 -44.75
CA LEU B 254 -6.31 26.21 -45.42
C LEU B 254 -5.86 26.41 -46.84
N ARG B 255 -6.69 27.03 -47.68
CA ARG B 255 -6.30 27.31 -49.10
C ARG B 255 -5.23 28.42 -49.24
N ALA B 256 -5.37 29.49 -48.45
CA ALA B 256 -4.33 30.54 -48.30
C ALA B 256 -3.08 30.08 -47.58
N ASP B 257 -3.23 29.06 -46.72
CA ASP B 257 -2.12 28.33 -46.12
C ASP B 257 -1.26 29.21 -45.22
N GLN B 258 -1.86 30.02 -44.32
CA GLN B 258 -1.07 30.90 -43.41
C GLN B 258 -1.88 31.64 -42.34
N GLU B 259 -1.16 32.36 -41.47
CA GLU B 259 -1.77 33.18 -40.36
C GLU B 259 -2.51 34.44 -40.81
N LEU B 260 -3.75 34.59 -40.35
CA LEU B 260 -4.54 35.76 -40.65
C LEU B 260 -4.64 36.75 -39.49
N MET B 261 -4.70 36.29 -38.24
CA MET B 261 -4.91 37.20 -37.09
C MET B 261 -4.32 36.75 -35.74
N THR B 262 -4.03 37.74 -34.88
CA THR B 262 -3.56 37.56 -33.50
C THR B 262 -4.38 38.38 -32.50
N TYR B 263 -4.84 37.72 -31.43
CA TYR B 263 -5.76 38.31 -30.47
C TYR B 263 -4.99 38.55 -29.18
N SER B 264 -4.79 39.80 -28.73
CA SER B 264 -3.89 40.08 -27.57
C SER B 264 -4.13 41.41 -26.84
N HIS B 265 -3.32 41.72 -25.81
CA HIS B 265 -3.51 42.90 -24.92
C HIS B 265 -2.32 43.09 -23.93
N ASP B 266 -1.78 44.31 -23.80
CA ASP B 266 -0.75 44.67 -22.79
C ASP B 266 -1.08 44.29 -21.34
N ASN B 267 -2.35 44.39 -20.97
CA ASN B 267 -2.83 43.95 -19.65
C ASN B 267 -2.80 42.43 -19.48
N ILE B 268 -3.13 41.70 -20.54
CA ILE B 268 -3.17 40.24 -20.50
C ILE B 268 -1.75 39.69 -20.54
N ILE B 269 -1.39 38.98 -19.48
CA ILE B 269 -0.09 38.30 -19.35
C ILE B 269 -0.17 36.76 -19.38
N CYS B 270 -1.29 36.20 -18.92
CA CYS B 270 -1.44 34.75 -18.77
C CYS B 270 -1.74 34.05 -20.10
N GLY B 271 -1.70 32.72 -20.09
CA GLY B 271 -1.93 31.89 -21.30
C GLY B 271 -3.36 31.44 -21.56
N ILE B 272 -3.55 30.78 -22.71
CA ILE B 272 -4.87 30.42 -23.29
C ILE B 272 -5.01 28.92 -23.36
N THR B 273 -6.20 28.39 -23.05
CA THR B 273 -6.38 26.94 -22.86
C THR B 273 -7.41 26.21 -23.76
N SER B 274 -8.12 26.93 -24.63
CA SER B 274 -9.24 26.34 -25.37
C SER B 274 -9.85 27.33 -26.37
N VAL B 275 -10.26 26.82 -27.53
CA VAL B 275 -10.95 27.65 -28.52
C VAL B 275 -12.09 26.95 -29.25
N SER B 276 -13.15 27.71 -29.49
CA SER B 276 -14.30 27.23 -30.23
C SER B 276 -14.83 28.40 -30.98
N PHE B 277 -15.39 28.11 -32.16
CA PHE B 277 -16.10 29.08 -32.94
C PHE B 277 -17.60 28.96 -32.70
N SER B 278 -18.27 30.11 -32.68
CA SER B 278 -19.72 30.17 -32.85
C SER B 278 -20.08 29.55 -34.21
N LYS B 279 -21.35 29.20 -34.36
CA LYS B 279 -21.81 28.41 -35.51
C LYS B 279 -21.53 29.08 -36.85
N SER B 280 -21.53 30.41 -36.89
CA SER B 280 -21.26 31.15 -38.14
C SER B 280 -19.78 31.31 -38.42
N GLY B 281 -18.99 31.50 -37.36
CA GLY B 281 -17.57 31.83 -37.47
C GLY B 281 -17.17 33.14 -36.81
N ARG B 282 -18.13 33.98 -36.43
CA ARG B 282 -17.82 35.38 -36.12
C ARG B 282 -17.20 35.60 -34.76
N LEU B 283 -17.71 34.94 -33.73
CA LEU B 283 -17.06 35.01 -32.43
C LEU B 283 -16.03 33.90 -32.33
N LEU B 284 -14.86 34.22 -31.78
CA LEU B 284 -13.88 33.24 -31.31
C LEU B 284 -13.80 33.34 -29.79
N LEU B 285 -14.15 32.27 -29.11
CA LEU B 285 -14.16 32.30 -27.65
C LEU B 285 -12.89 31.63 -27.18
N ALA B 286 -12.25 32.22 -26.18
CA ALA B 286 -11.05 31.62 -25.61
C ALA B 286 -10.96 31.70 -24.07
N GLY B 287 -10.41 30.64 -23.46
CA GLY B 287 -10.27 30.53 -21.98
C GLY B 287 -8.85 30.80 -21.50
N TYR B 288 -8.71 31.54 -20.39
CA TYR B 288 -7.39 32.03 -19.89
C TYR B 288 -7.00 31.49 -18.48
N ASP B 289 -5.75 31.75 -18.07
CA ASP B 289 -5.28 31.44 -16.71
C ASP B 289 -5.27 32.65 -15.77
N ASP B 290 -6.03 33.70 -16.08
CA ASP B 290 -6.33 34.77 -15.09
C ASP B 290 -7.76 34.64 -14.58
N PHE B 291 -8.36 33.49 -14.89
CA PHE B 291 -9.66 33.04 -14.39
C PHE B 291 -10.80 33.48 -15.32
N ASN B 292 -10.52 34.35 -16.29
CA ASN B 292 -11.54 34.88 -17.18
C ASN B 292 -11.51 34.17 -18.52
N CYS B 293 -12.66 34.14 -19.20
CA CYS B 293 -12.70 33.84 -20.64
C CYS B 293 -12.99 35.14 -21.40
N ASN B 294 -12.20 35.40 -22.43
CA ASN B 294 -12.39 36.57 -23.28
C ASN B 294 -13.05 36.18 -24.61
N VAL B 295 -14.07 36.95 -24.96
CA VAL B 295 -14.73 36.80 -26.25
C VAL B 295 -14.01 37.76 -27.18
N TRP B 296 -13.36 37.22 -28.21
CA TRP B 296 -12.73 38.03 -29.25
C TRP B 296 -13.65 38.11 -30.47
N ASP B 297 -13.62 39.29 -31.10
CA ASP B 297 -14.21 39.46 -32.42
C ASP B 297 -13.23 38.71 -33.33
N ALA B 298 -13.70 37.70 -34.05
CA ALA B 298 -12.79 36.86 -34.87
C ALA B 298 -12.14 37.65 -36.02
N LEU B 299 -12.88 38.63 -36.53
CA LEU B 299 -12.51 39.41 -37.71
C LEU B 299 -11.80 40.73 -37.35
N LYS B 300 -12.30 41.45 -36.35
CA LYS B 300 -11.68 42.69 -35.84
C LYS B 300 -10.65 42.56 -34.71
N ALA B 301 -10.53 41.39 -34.06
CA ALA B 301 -9.58 41.19 -32.95
C ALA B 301 -9.69 42.15 -31.73
N ASP B 302 -10.88 42.70 -31.50
CA ASP B 302 -11.11 43.50 -30.30
C ASP B 302 -11.60 42.59 -29.20
N ARG B 303 -11.23 42.96 -27.98
CA ARG B 303 -11.79 42.33 -26.81
C ARG B 303 -13.26 42.74 -26.71
N ALA B 304 -14.15 41.84 -27.13
CA ALA B 304 -15.60 42.05 -27.14
C ALA B 304 -16.29 41.84 -25.78
N GLY B 305 -15.63 41.19 -24.83
CA GLY B 305 -16.20 41.02 -23.52
C GLY B 305 -15.37 40.15 -22.59
N VAL B 306 -15.91 39.92 -21.39
CA VAL B 306 -15.25 39.09 -20.39
C VAL B 306 -16.29 38.20 -19.75
N LEU B 307 -16.18 36.89 -19.97
CA LEU B 307 -16.87 35.91 -19.13
C LEU B 307 -16.03 35.76 -17.87
N ALA B 308 -16.39 36.52 -16.82
CA ALA B 308 -15.61 36.57 -15.58
C ALA B 308 -16.37 35.95 -14.39
N GLY B 309 -16.66 34.66 -14.51
CA GLY B 309 -17.36 33.91 -13.46
C GLY B 309 -16.46 33.06 -12.56
N HIS B 310 -15.55 32.31 -13.19
CA HIS B 310 -14.75 31.34 -12.49
C HIS B 310 -13.75 32.00 -11.52
N ASP B 311 -13.42 31.33 -10.42
CA ASP B 311 -12.47 31.86 -9.40
C ASP B 311 -11.05 31.25 -9.51
N ASN B 312 -10.87 30.36 -10.49
CA ASN B 312 -9.56 29.88 -10.92
C ASN B 312 -9.65 29.62 -12.44
N ARG B 313 -8.49 29.52 -13.07
CA ARG B 313 -8.29 29.03 -14.44
C ARG B 313 -9.43 28.35 -15.25
N VAL B 314 -9.69 28.87 -16.45
CA VAL B 314 -10.62 28.26 -17.43
C VAL B 314 -9.86 27.30 -18.36
N SER B 315 -10.38 26.08 -18.52
CA SER B 315 -9.59 25.00 -19.10
C SER B 315 -10.09 24.41 -20.40
N CYS B 316 -11.38 24.45 -20.64
CA CYS B 316 -11.94 23.84 -21.85
C CYS B 316 -13.15 24.64 -22.21
N LEU B 317 -13.69 24.39 -23.41
CA LEU B 317 -14.96 25.01 -23.87
C LEU B 317 -15.50 24.41 -25.17
N GLY B 318 -16.72 24.78 -25.51
CA GLY B 318 -17.38 24.23 -26.69
C GLY B 318 -18.63 24.99 -27.02
N VAL B 319 -18.92 25.07 -28.32
CA VAL B 319 -20.16 25.64 -28.84
C VAL B 319 -21.01 24.51 -29.43
N THR B 320 -22.32 24.60 -29.19
CA THR B 320 -23.27 23.63 -29.70
C THR B 320 -23.30 23.55 -31.22
N ASP B 321 -23.79 22.45 -31.79
CA ASP B 321 -24.01 22.36 -33.26
C ASP B 321 -25.14 23.25 -33.77
N ASP B 322 -26.07 23.60 -32.89
CA ASP B 322 -27.12 24.55 -33.22
C ASP B 322 -26.80 25.98 -32.75
N GLY B 323 -25.58 26.23 -32.28
CA GLY B 323 -25.16 27.57 -31.88
C GLY B 323 -25.74 28.20 -30.62
N MET B 324 -26.70 27.53 -29.98
CA MET B 324 -27.40 28.10 -28.82
C MET B 324 -26.51 28.41 -27.61
N ALA B 325 -25.41 27.68 -27.42
CA ALA B 325 -24.65 27.83 -26.19
C ALA B 325 -23.15 27.53 -26.25
N VAL B 326 -22.49 28.13 -25.26
CA VAL B 326 -21.07 28.05 -24.97
C VAL B 326 -20.94 27.45 -23.57
N ALA B 327 -20.12 26.40 -23.47
CA ALA B 327 -19.82 25.78 -22.19
C ALA B 327 -18.37 26.04 -21.82
N THR B 328 -18.12 26.48 -20.58
CA THR B 328 -16.76 26.67 -20.05
C THR B 328 -16.54 25.85 -18.79
N GLY B 329 -15.58 24.93 -18.83
CA GLY B 329 -15.14 24.20 -17.62
C GLY B 329 -13.90 24.80 -17.03
N SER B 330 -13.77 24.77 -15.71
CA SER B 330 -12.65 25.42 -15.04
C SER B 330 -11.94 24.52 -14.02
N TRP B 331 -10.88 25.09 -13.46
CA TRP B 331 -10.04 24.46 -12.47
C TRP B 331 -10.66 24.61 -11.10
N ASP B 332 -11.61 25.53 -10.97
CA ASP B 332 -12.47 25.61 -9.78
C ASP B 332 -13.53 24.53 -9.70
N SER B 333 -13.59 23.65 -10.72
CA SER B 333 -14.35 22.37 -10.68
C SER B 333 -15.75 22.45 -11.26
N PHE B 334 -16.19 23.65 -11.59
CA PHE B 334 -17.50 23.88 -12.15
C PHE B 334 -17.36 24.01 -13.66
N LEU B 335 -18.30 23.44 -14.42
CA LEU B 335 -18.65 23.92 -15.77
C LEU B 335 -19.59 25.12 -15.61
N LYS B 336 -19.66 25.95 -16.65
CA LYS B 336 -20.71 26.95 -16.76
C LYS B 336 -21.20 26.96 -18.21
N ILE B 337 -22.51 27.07 -18.39
CA ILE B 337 -23.07 27.31 -19.71
C ILE B 337 -23.42 28.80 -19.74
N TRP B 338 -23.04 29.46 -20.84
CA TRP B 338 -23.34 30.87 -21.02
C TRP B 338 -24.06 31.06 -22.34
N ASN B 339 -24.89 32.10 -22.39
CA ASN B 339 -25.29 32.78 -23.62
C ASN B 339 -26.00 34.08 -23.27
N SER C 1 20.18 8.85 -39.50
CA SER C 1 19.10 9.77 -39.97
C SER C 1 19.16 10.00 -41.50
N ILE C 2 19.38 8.93 -42.27
CA ILE C 2 19.29 8.98 -43.74
C ILE C 2 17.84 9.17 -44.21
N ALA C 3 16.92 8.39 -43.64
CA ALA C 3 15.49 8.44 -43.99
C ALA C 3 14.79 9.66 -43.41
N GLN C 4 15.29 10.16 -42.27
CA GLN C 4 14.67 11.29 -41.56
C GLN C 4 14.62 12.57 -42.41
N ALA C 5 15.69 12.87 -43.13
CA ALA C 5 15.72 14.01 -44.05
C ALA C 5 15.03 13.69 -45.39
N ARG C 6 15.22 12.46 -45.89
CA ARG C 6 14.55 11.99 -47.12
C ARG C 6 13.02 12.00 -47.02
N LYS C 7 12.50 11.73 -45.82
CA LYS C 7 11.08 11.88 -45.54
C LYS C 7 10.69 13.36 -45.55
N LEU C 8 11.49 14.19 -44.88
CA LEU C 8 11.21 15.63 -44.78
C LEU C 8 11.22 16.36 -46.13
N VAL C 9 12.13 15.97 -47.02
CA VAL C 9 12.15 16.50 -48.40
C VAL C 9 10.95 16.00 -49.22
N GLU C 10 10.64 14.71 -49.13
CA GLU C 10 9.44 14.15 -49.75
C GLU C 10 8.17 14.84 -49.23
N GLN C 11 8.16 15.09 -47.92
CA GLN C 11 6.99 15.66 -47.25
C GLN C 11 6.81 17.12 -47.65
N LEU C 12 7.87 17.92 -47.52
CA LEU C 12 7.82 19.33 -47.94
C LEU C 12 7.53 19.48 -49.44
N LYS C 13 8.00 18.52 -50.24
CA LYS C 13 7.60 18.41 -51.66
C LYS C 13 6.09 18.35 -51.83
N MET C 14 5.44 17.53 -51.00
CA MET C 14 3.97 17.45 -50.95
C MET C 14 3.31 18.77 -50.52
N GLU C 15 3.84 19.36 -49.45
CA GLU C 15 3.30 20.60 -48.86
C GLU C 15 3.47 21.81 -49.77
N ALA C 16 4.44 21.77 -50.69
CA ALA C 16 4.63 22.83 -51.69
C ALA C 16 3.68 22.71 -52.91
N ASN C 17 3.44 21.49 -53.41
CA ASN C 17 2.63 21.28 -54.64
C ASN C 17 1.11 21.33 -54.39
N ILE C 18 0.62 22.48 -53.94
CA ILE C 18 -0.82 22.70 -53.68
C ILE C 18 -1.24 24.08 -54.17
N ASP C 19 -2.44 24.17 -54.74
CA ASP C 19 -2.89 25.39 -55.41
C ASP C 19 -3.43 26.37 -54.37
N ARG C 20 -2.68 27.46 -54.13
CA ARG C 20 -2.93 28.38 -53.02
C ARG C 20 -3.62 29.67 -53.43
N ILE C 21 -4.83 29.90 -52.93
CA ILE C 21 -5.55 31.16 -53.11
C ILE C 21 -4.90 32.22 -52.21
N LYS C 22 -5.50 33.41 -52.09
CA LYS C 22 -4.83 34.53 -51.42
C LYS C 22 -5.67 35.18 -50.33
N VAL C 23 -4.97 35.92 -49.47
CA VAL C 23 -5.48 36.31 -48.15
C VAL C 23 -6.63 37.28 -48.24
N SER C 24 -6.60 38.19 -49.21
CA SER C 24 -7.75 39.06 -49.43
C SER C 24 -8.99 38.22 -49.78
N LYS C 25 -8.79 37.20 -50.61
CA LYS C 25 -9.86 36.31 -51.09
C LYS C 25 -10.33 35.37 -49.99
N ALA C 26 -9.39 34.68 -49.35
CA ALA C 26 -9.69 33.80 -48.25
C ALA C 26 -10.38 34.58 -47.15
N ALA C 27 -9.83 35.72 -46.77
CA ALA C 27 -10.48 36.58 -45.77
C ALA C 27 -11.93 36.90 -46.17
N ALA C 28 -12.15 37.18 -47.44
CA ALA C 28 -13.50 37.44 -47.98
C ALA C 28 -14.44 36.22 -47.99
N ASP C 29 -13.93 35.00 -48.21
CA ASP C 29 -14.77 33.77 -48.10
C ASP C 29 -15.17 33.46 -46.65
N LEU C 30 -14.28 33.78 -45.71
CA LEU C 30 -14.55 33.71 -44.27
C LEU C 30 -15.60 34.73 -43.85
N MET C 31 -15.41 35.96 -44.34
CA MET C 31 -16.36 37.04 -44.13
C MET C 31 -17.68 36.73 -44.84
N ALA C 32 -17.61 36.11 -46.02
CA ALA C 32 -18.79 35.70 -46.81
C ALA C 32 -19.65 34.65 -46.09
N TYR C 33 -18.98 33.71 -45.44
CA TYR C 33 -19.62 32.67 -44.64
C TYR C 33 -20.21 33.24 -43.36
N CYS C 34 -19.41 34.06 -42.65
CA CYS C 34 -19.84 34.73 -41.40
C CYS C 34 -21.12 35.50 -41.61
N GLU C 35 -21.04 36.50 -42.50
CA GLU C 35 -22.19 37.33 -42.91
C GLU C 35 -23.39 36.49 -43.32
N ALA C 36 -23.17 35.50 -44.17
CA ALA C 36 -24.23 34.62 -44.70
C ALA C 36 -24.99 33.90 -43.60
N HIS C 37 -24.26 33.10 -42.81
CA HIS C 37 -24.84 32.33 -41.73
C HIS C 37 -25.06 33.12 -40.43
N ALA C 38 -24.76 34.42 -40.40
CA ALA C 38 -24.93 35.23 -39.17
C ALA C 38 -26.35 35.25 -38.58
N LYS C 39 -27.36 35.05 -39.42
CA LYS C 39 -28.74 34.99 -38.95
C LYS C 39 -28.82 33.91 -37.86
N GLU C 40 -28.35 32.70 -38.20
CA GLU C 40 -28.57 31.50 -37.39
C GLU C 40 -27.48 31.27 -36.35
N ASP C 41 -26.89 32.34 -35.82
CA ASP C 41 -25.83 32.28 -34.85
C ASP C 41 -26.35 33.01 -33.59
N PRO C 42 -26.92 32.24 -32.64
CA PRO C 42 -27.49 32.84 -31.42
C PRO C 42 -26.59 33.77 -30.58
N LEU C 43 -25.27 33.64 -30.67
CA LEU C 43 -24.38 34.41 -29.79
C LEU C 43 -24.15 35.85 -30.25
N LEU C 44 -24.38 36.11 -31.54
CA LEU C 44 -24.34 37.48 -32.10
C LEU C 44 -25.68 38.16 -31.94
N THR C 45 -26.71 37.46 -32.43
CA THR C 45 -28.07 37.96 -32.54
C THR C 45 -28.80 37.58 -31.26
N PRO C 46 -29.00 38.54 -30.32
CA PRO C 46 -29.70 38.18 -29.09
C PRO C 46 -31.08 37.58 -29.37
N VAL C 47 -31.15 36.24 -29.38
CA VAL C 47 -32.44 35.54 -29.49
C VAL C 47 -33.20 35.68 -28.16
N PRO C 48 -34.54 35.92 -28.23
CA PRO C 48 -35.34 36.20 -27.03
C PRO C 48 -35.44 35.00 -26.09
N ALA C 49 -35.98 35.25 -24.89
CA ALA C 49 -36.10 34.23 -23.84
C ALA C 49 -36.94 32.99 -24.25
N SER C 50 -37.90 33.18 -25.14
CA SER C 50 -38.68 32.08 -25.72
C SER C 50 -37.80 31.14 -26.53
N GLU C 51 -36.99 31.69 -27.42
CA GLU C 51 -36.15 30.89 -28.32
C GLU C 51 -35.03 30.10 -27.62
N ASN C 52 -34.65 30.52 -26.40
CA ASN C 52 -33.47 30.01 -25.67
C ASN C 52 -33.80 28.88 -24.69
N PRO C 53 -33.33 27.64 -24.97
CA PRO C 53 -33.52 26.57 -23.97
C PRO C 53 -32.95 26.84 -22.55
N PHE C 54 -31.96 27.73 -22.45
CA PHE C 54 -31.24 28.02 -21.20
C PHE C 54 -31.67 29.32 -20.48
N ARG C 55 -32.83 29.86 -20.82
CA ARG C 55 -33.28 31.12 -20.20
C ARG C 55 -34.46 30.97 -19.23
N GLU C 56 -35.41 30.09 -19.54
CA GLU C 56 -36.66 29.98 -18.76
C GLU C 56 -37.17 28.55 -18.45
N LYS C 57 -37.38 27.73 -19.48
CA LYS C 57 -37.82 26.34 -19.26
C LYS C 57 -36.65 25.37 -19.07
#